data_8KB8
#
_entry.id   8KB8
#
_cell.length_a   55.452
_cell.length_b   81.077
_cell.length_c   116.404
_cell.angle_alpha   90.000
_cell.angle_beta   94.406
_cell.angle_gamma   90.000
#
_symmetry.space_group_name_H-M   'P 1 21 1'
#
loop_
_entity.id
_entity.type
_entity.pdbx_description
1 polymer 'WD repeat-containing protein 91'
2 polymer 'Ras-related protein Rab-7a'
3 non-polymer 'MAGNESIUM ION'
4 non-polymer "GUANOSINE-5'-TRIPHOSPHATE"
5 water water
#
loop_
_entity_poly.entity_id
_entity_poly.type
_entity_poly.pdbx_seq_one_letter_code
_entity_poly.pdbx_strand_id
1 'polypeptide(L)'
;MPEQPFIVLGQEEYGEHHSSIMHCRVDCSGRRVASLDVDGVIKVWSFNPIMQTKASSISKSPLLSLEWATKRDRLLLLGS
GVGTVRLYDTEAKKNLCEININDNMPRILSLACSPNGASFVCSAAAPSLTSQVDFSAPDIGSKGMNQVPGRLLLWDTKTM
KQQLQFSLDPEPIAINCTAFNHNGNLLVTGAADGVIRLFDMQQHECAMSWRAHYGEVYSVEFSYDENTVYSIGEDGKFIQ
WNIHKSGLKVSEYSLPSDATGPFVLSGYSGYKQVQVPRGRLFAFDSEGNYMLTCSATGGVIYKLGGDEKVLESCLSLGGH
RAPVVTVDWSTAMDCGTCLTASMDGKIKLTTLLAHKAHHHHHH
;
A,B
2 'polypeptide(L)'
;GPLGSMTSRKKVLLKVIILGDSGVGKTSLMNQYVNKKFSNQYKATIGADFLTKEVMVDDRLVTMQIWDTAGLERFQSLGV
AFYRGADCCVLVFDVTAPNTFKTLDSWRDEFLIQASPRDPENFPFVVLGNKIDLENRQVATKRAQAWCYSKNNIPYFETS
AKEAINVEQAFQTIARNALKQ
;
C,D
#
loop_
_chem_comp.id
_chem_comp.type
_chem_comp.name
_chem_comp.formula
GTP non-polymer GUANOSINE-5'-TRIPHOSPHATE 'C10 H16 N5 O14 P3'
MG non-polymer 'MAGNESIUM ION' 'Mg 2'
#
# COMPACT_ATOMS: atom_id res chain seq x y z
N GLN A 4 -20.43 -0.27 -39.04
CA GLN A 4 -21.36 -0.68 -40.09
C GLN A 4 -20.93 -1.94 -40.89
N PRO A 5 -19.68 -2.00 -41.40
CA PRO A 5 -19.32 -3.18 -42.23
C PRO A 5 -19.37 -4.49 -41.47
N PHE A 6 -19.07 -4.46 -40.17
CA PHE A 6 -18.96 -5.67 -39.37
C PHE A 6 -20.02 -5.67 -38.27
N ILE A 7 -20.68 -6.82 -38.14
CA ILE A 7 -21.60 -7.10 -37.06
C ILE A 7 -20.88 -8.01 -36.08
N VAL A 8 -20.80 -7.60 -34.82
CA VAL A 8 -20.12 -8.37 -33.78
C VAL A 8 -21.09 -9.38 -33.19
N LEU A 9 -20.83 -10.67 -33.40
CA LEU A 9 -21.74 -11.71 -32.96
C LEU A 9 -21.44 -12.24 -31.56
N GLY A 10 -20.28 -11.93 -30.99
CA GLY A 10 -19.94 -12.48 -29.70
C GLY A 10 -18.45 -12.52 -29.48
N GLN A 11 -18.09 -12.77 -28.23
CA GLN A 11 -16.70 -12.81 -27.79
C GLN A 11 -16.57 -13.93 -26.79
N GLU A 12 -15.73 -14.92 -27.11
CA GLU A 12 -15.40 -16.00 -26.19
C GLU A 12 -13.98 -15.81 -25.71
N GLU A 13 -13.64 -16.48 -24.62
CA GLU A 13 -12.34 -16.34 -24.00
C GLU A 13 -11.69 -17.71 -23.84
N TYR A 14 -10.44 -17.85 -24.30
CA TYR A 14 -9.62 -19.03 -24.07
C TYR A 14 -8.63 -18.72 -22.95
N GLY A 15 -8.69 -19.47 -21.87
CA GLY A 15 -7.96 -19.05 -20.68
C GLY A 15 -7.00 -20.07 -20.13
N GLU A 16 -6.60 -21.05 -20.95
CA GLU A 16 -5.75 -22.15 -20.51
C GLU A 16 -4.29 -21.77 -20.34
N HIS A 17 -3.84 -20.66 -20.92
CA HIS A 17 -2.53 -20.14 -20.59
C HIS A 17 -2.60 -19.33 -19.31
N HIS A 18 -1.50 -19.34 -18.54
CA HIS A 18 -1.38 -18.51 -17.35
C HIS A 18 -0.16 -17.60 -17.40
N SER A 19 0.40 -17.34 -18.60
CA SER A 19 1.47 -16.36 -18.77
C SER A 19 1.19 -15.54 -20.01
N SER A 20 1.87 -14.40 -20.11
CA SER A 20 1.71 -13.50 -21.25
C SER A 20 1.85 -14.27 -22.57
N ILE A 21 0.94 -14.03 -23.50
CA ILE A 21 0.99 -14.70 -24.79
C ILE A 21 2.07 -14.07 -25.66
N MET A 22 2.80 -14.92 -26.36
CA MET A 22 3.83 -14.55 -27.31
C MET A 22 3.37 -14.71 -28.75
N HIS A 23 2.66 -15.80 -29.08
CA HIS A 23 2.13 -15.97 -30.43
C HIS A 23 0.73 -16.58 -30.39
N CYS A 24 -0.07 -16.21 -31.39
CA CYS A 24 -1.43 -16.73 -31.47
C CYS A 24 -1.82 -16.74 -32.95
N ARG A 25 -1.91 -17.92 -33.55
CA ARG A 25 -2.11 -17.99 -35.00
C ARG A 25 -3.10 -19.08 -35.35
N VAL A 26 -3.98 -18.74 -36.30
CA VAL A 26 -4.95 -19.67 -36.84
C VAL A 26 -4.28 -20.44 -37.96
N ASP A 27 -4.62 -21.72 -38.09
CA ASP A 27 -4.05 -22.54 -39.16
C ASP A 27 -4.64 -22.09 -40.51
N CYS A 28 -4.27 -22.79 -41.58
CA CYS A 28 -4.76 -22.40 -42.90
C CYS A 28 -6.23 -22.76 -43.09
N SER A 29 -6.72 -23.78 -42.40
CA SER A 29 -8.13 -24.16 -42.58
C SER A 29 -9.07 -23.18 -41.89
N GLY A 30 -8.60 -22.46 -40.86
CA GLY A 30 -9.45 -21.62 -40.05
C GLY A 30 -10.03 -22.30 -38.82
N ARG A 31 -9.82 -23.60 -38.66
CA ARG A 31 -10.53 -24.37 -37.65
C ARG A 31 -9.75 -24.50 -36.34
N ARG A 32 -8.44 -24.19 -36.34
CA ARG A 32 -7.55 -24.40 -35.18
C ARG A 32 -6.70 -23.16 -34.90
N VAL A 33 -6.33 -23.01 -33.63
CA VAL A 33 -5.42 -21.98 -33.18
C VAL A 33 -4.20 -22.66 -32.54
N ALA A 34 -3.01 -22.13 -32.81
CA ALA A 34 -1.84 -22.45 -31.99
C ALA A 34 -1.43 -21.20 -31.24
N SER A 35 -1.18 -21.37 -29.95
CA SER A 35 -0.81 -20.24 -29.13
C SER A 35 0.29 -20.67 -28.19
N LEU A 36 1.18 -19.73 -27.92
CA LEU A 36 2.39 -20.03 -27.17
C LEU A 36 2.63 -18.88 -26.21
N ASP A 37 2.95 -19.19 -24.97
CA ASP A 37 3.12 -18.11 -24.01
C ASP A 37 4.59 -18.01 -23.61
N VAL A 38 4.90 -17.00 -22.80
CA VAL A 38 6.29 -16.73 -22.50
C VAL A 38 6.91 -17.80 -21.62
N ASP A 39 6.09 -18.65 -21.01
CA ASP A 39 6.62 -19.76 -20.25
C ASP A 39 6.73 -21.04 -21.07
N GLY A 40 6.77 -20.93 -22.41
CA GLY A 40 7.02 -22.08 -23.26
C GLY A 40 5.86 -23.03 -23.41
N VAL A 41 4.64 -22.66 -23.03
CA VAL A 41 3.50 -23.56 -23.13
C VAL A 41 2.83 -23.36 -24.48
N ILE A 42 2.65 -24.46 -25.21
CA ILE A 42 1.96 -24.48 -26.51
C ILE A 42 0.59 -25.10 -26.30
N LYS A 43 -0.42 -24.45 -26.86
CA LYS A 43 -1.76 -24.99 -26.89
C LYS A 43 -2.23 -24.93 -28.33
N VAL A 44 -2.68 -26.06 -28.86
CA VAL A 44 -3.43 -26.09 -30.10
C VAL A 44 -4.85 -26.40 -29.71
N TRP A 45 -5.78 -25.56 -30.14
CA TRP A 45 -7.14 -25.65 -29.64
C TRP A 45 -8.12 -25.31 -30.74
N SER A 46 -9.34 -25.79 -30.55
CA SER A 46 -10.45 -25.46 -31.43
C SER A 46 -11.35 -24.44 -30.75
N PHE A 47 -12.17 -23.80 -31.58
CA PHE A 47 -13.28 -22.99 -31.09
C PHE A 47 -14.58 -23.33 -31.79
N ASN A 48 -14.53 -24.00 -32.95
CA ASN A 48 -15.68 -24.49 -33.70
C ASN A 48 -15.72 -26.01 -33.59
N PRO A 49 -16.81 -26.60 -33.09
CA PRO A 49 -17.96 -25.91 -32.50
C PRO A 49 -17.79 -25.59 -31.01
N ILE A 50 -16.83 -26.23 -30.34
CA ILE A 50 -16.56 -25.92 -28.94
C ILE A 50 -15.09 -25.60 -28.74
N MET A 51 -14.85 -24.71 -27.77
CA MET A 51 -13.53 -24.33 -27.32
C MET A 51 -12.90 -25.55 -26.64
N GLN A 52 -12.02 -26.22 -27.36
CA GLN A 52 -11.48 -27.52 -27.01
C GLN A 52 -9.96 -27.46 -27.17
N THR A 53 -9.23 -27.70 -26.08
CA THR A 53 -7.77 -27.76 -26.11
C THR A 53 -7.37 -29.07 -26.78
N LYS A 54 -7.13 -29.01 -28.10
CA LYS A 54 -6.81 -30.19 -28.91
C LYS A 54 -5.45 -30.78 -28.59
N ALA A 55 -4.56 -30.04 -27.91
CA ALA A 55 -3.23 -30.51 -27.53
C ALA A 55 -2.48 -29.46 -26.70
N SER A 56 -1.60 -29.92 -25.81
CA SER A 56 -0.89 -29.02 -24.91
C SER A 56 0.49 -29.59 -24.63
N SER A 57 1.52 -28.80 -24.93
CA SER A 57 2.91 -29.17 -24.66
C SER A 57 3.55 -28.12 -23.78
N ILE A 58 4.53 -28.53 -23.00
CA ILE A 58 5.39 -27.61 -22.28
C ILE A 58 6.81 -27.87 -22.75
N SER A 59 7.44 -26.86 -23.32
CA SER A 59 8.77 -26.99 -23.90
C SER A 59 9.79 -26.71 -22.81
N LYS A 60 10.80 -27.56 -22.69
CA LYS A 60 11.81 -27.33 -21.67
C LYS A 60 12.72 -26.17 -22.06
N SER A 61 13.06 -26.07 -23.34
CA SER A 61 13.83 -25.00 -23.94
C SER A 61 12.92 -23.82 -24.32
N PRO A 62 13.45 -22.60 -24.40
CA PRO A 62 12.60 -21.46 -24.81
C PRO A 62 12.14 -21.64 -26.24
N LEU A 63 10.92 -21.14 -26.53
CA LEU A 63 10.39 -21.08 -27.88
C LEU A 63 10.08 -19.63 -28.21
N LEU A 64 10.40 -19.22 -29.44
CA LEU A 64 10.37 -17.81 -29.82
C LEU A 64 9.50 -17.51 -31.03
N SER A 65 9.15 -18.49 -31.84
CA SER A 65 8.37 -18.26 -33.04
C SER A 65 7.59 -19.52 -33.40
N LEU A 66 6.59 -19.35 -34.26
CA LEU A 66 5.53 -20.30 -34.49
C LEU A 66 4.98 -20.04 -35.88
N GLU A 67 4.70 -21.11 -36.63
CA GLU A 67 4.25 -20.92 -38.01
C GLU A 67 3.50 -22.16 -38.48
N TRP A 68 2.33 -21.96 -39.08
CA TRP A 68 1.54 -23.09 -39.56
C TRP A 68 2.08 -23.54 -40.91
N ALA A 69 2.12 -24.84 -41.11
CA ALA A 69 2.41 -25.31 -42.46
C ALA A 69 1.20 -25.01 -43.36
N THR A 70 1.47 -24.78 -44.65
CA THR A 70 0.44 -24.40 -45.61
C THR A 70 -0.07 -25.60 -46.39
N LYS A 71 0.86 -26.35 -47.01
CA LYS A 71 0.52 -27.59 -47.69
C LYS A 71 -0.03 -28.60 -46.70
N ARG A 72 0.75 -28.90 -45.66
CA ARG A 72 0.41 -29.91 -44.66
C ARG A 72 -0.16 -29.19 -43.44
N ASP A 73 -1.31 -28.54 -43.61
CA ASP A 73 -1.93 -28.01 -42.40
C ASP A 73 -2.21 -29.21 -41.50
N ARG A 74 -2.25 -28.96 -40.19
CA ARG A 74 -2.01 -29.82 -39.02
C ARG A 74 -0.52 -29.92 -38.66
N LEU A 75 0.41 -29.42 -39.47
CA LEU A 75 1.81 -29.28 -39.06
C LEU A 75 2.07 -27.86 -38.58
N LEU A 76 2.63 -27.77 -37.39
CA LEU A 76 3.06 -26.53 -36.75
C LEU A 76 4.58 -26.51 -36.63
N LEU A 77 5.19 -25.43 -37.09
CA LEU A 77 6.62 -25.22 -36.94
C LEU A 77 6.84 -24.33 -35.74
N LEU A 78 7.83 -24.66 -34.92
CA LEU A 78 8.13 -23.95 -33.67
C LEU A 78 9.63 -23.67 -33.59
N GLY A 79 10.02 -22.41 -33.52
CA GLY A 79 11.44 -22.06 -33.49
C GLY A 79 11.90 -21.89 -32.06
N SER A 80 12.96 -22.59 -31.68
CA SER A 80 13.40 -22.54 -30.30
C SER A 80 14.40 -21.39 -30.06
N GLY A 81 14.85 -21.28 -28.81
CA GLY A 81 15.97 -20.46 -28.39
C GLY A 81 17.28 -21.23 -28.32
N VAL A 82 17.34 -22.44 -28.88
CA VAL A 82 18.54 -23.27 -28.88
C VAL A 82 18.89 -23.70 -30.30
N GLY A 83 18.52 -22.88 -31.29
CA GLY A 83 18.91 -23.13 -32.66
C GLY A 83 18.19 -24.26 -33.34
N THR A 84 16.98 -24.58 -32.90
CA THR A 84 16.27 -25.71 -33.50
C THR A 84 14.92 -25.27 -34.05
N VAL A 85 14.43 -26.02 -35.02
CA VAL A 85 13.07 -25.88 -35.52
C VAL A 85 12.35 -27.20 -35.30
N ARG A 86 11.27 -27.19 -34.52
CA ARG A 86 10.48 -28.40 -34.28
C ARG A 86 9.31 -28.43 -35.25
N LEU A 87 9.11 -29.58 -35.88
CA LEU A 87 7.89 -29.84 -36.64
C LEU A 87 7.02 -30.71 -35.76
N TYR A 88 5.81 -30.21 -35.50
CA TYR A 88 4.85 -30.75 -34.55
C TYR A 88 3.58 -31.13 -35.30
N ASP A 89 3.11 -32.36 -35.07
CA ASP A 89 1.88 -32.87 -35.69
C ASP A 89 0.72 -32.58 -34.75
N THR A 90 -0.13 -31.61 -35.11
CA THR A 90 -1.21 -31.18 -34.22
C THR A 90 -2.38 -32.15 -34.20
N GLU A 91 -2.50 -33.02 -35.20
CA GLU A 91 -3.49 -34.07 -35.12
C GLU A 91 -2.99 -35.31 -34.40
N ALA A 92 -1.70 -35.62 -34.47
CA ALA A 92 -1.16 -36.70 -33.66
C ALA A 92 -0.77 -36.25 -32.26
N LYS A 93 -0.70 -34.94 -32.00
CA LYS A 93 -0.28 -34.38 -30.71
C LYS A 93 1.16 -34.79 -30.39
N LYS A 94 2.02 -34.65 -31.39
CA LYS A 94 3.26 -35.40 -31.42
C LYS A 94 4.30 -34.62 -32.22
N ASN A 95 5.47 -34.52 -31.63
CA ASN A 95 6.64 -34.05 -32.33
C ASN A 95 6.92 -34.96 -33.52
N LEU A 96 7.09 -34.38 -34.70
CA LEU A 96 7.67 -35.16 -35.79
C LEU A 96 9.19 -35.10 -35.81
N CYS A 97 9.77 -33.90 -35.71
CA CYS A 97 11.22 -33.87 -35.69
C CYS A 97 11.73 -32.54 -35.14
N GLU A 98 13.02 -32.51 -34.84
CA GLU A 98 13.72 -31.30 -34.43
C GLU A 98 14.90 -31.12 -35.36
N ILE A 99 14.82 -30.12 -36.23
CA ILE A 99 15.85 -29.83 -37.20
C ILE A 99 16.86 -28.90 -36.55
N ASN A 100 18.14 -29.25 -36.66
CA ASN A 100 19.24 -28.47 -36.12
C ASN A 100 19.61 -27.37 -37.09
N ILE A 101 19.34 -26.12 -36.72
CA ILE A 101 19.48 -24.99 -37.64
C ILE A 101 20.88 -24.38 -37.56
N ASN A 102 21.33 -24.04 -36.36
CA ASN A 102 22.54 -23.23 -36.24
C ASN A 102 23.04 -23.29 -34.80
N ASP A 103 24.36 -23.49 -34.63
CA ASP A 103 24.97 -23.59 -33.31
C ASP A 103 25.09 -22.25 -32.61
N ASN A 104 25.77 -21.27 -33.25
CA ASN A 104 26.16 -20.11 -32.46
C ASN A 104 25.10 -19.01 -32.54
N MET A 105 24.03 -19.20 -33.32
CA MET A 105 22.97 -18.20 -33.48
C MET A 105 21.66 -18.88 -33.15
N PRO A 106 21.29 -18.89 -31.88
CA PRO A 106 20.26 -19.81 -31.39
C PRO A 106 18.84 -19.27 -31.37
N ARG A 107 18.63 -17.96 -31.59
CA ARG A 107 17.29 -17.40 -31.42
C ARG A 107 16.56 -17.46 -32.76
N ILE A 108 15.65 -18.43 -32.88
CA ILE A 108 14.90 -18.57 -34.13
C ILE A 108 13.74 -17.57 -34.11
N LEU A 109 14.00 -16.38 -34.61
CA LEU A 109 13.05 -15.28 -34.41
C LEU A 109 11.82 -15.35 -35.30
N SER A 110 11.91 -16.01 -36.47
CA SER A 110 10.85 -15.94 -37.45
C SER A 110 10.91 -17.19 -38.32
N LEU A 111 9.73 -17.66 -38.74
CA LEU A 111 9.56 -18.84 -39.59
C LEU A 111 8.55 -18.54 -40.67
N ALA A 112 8.82 -18.96 -41.90
CA ALA A 112 7.82 -18.83 -42.96
C ALA A 112 7.79 -20.15 -43.73
N CYS A 113 6.63 -20.81 -43.78
CA CYS A 113 6.50 -21.99 -44.63
C CYS A 113 6.22 -21.55 -46.05
N SER A 114 6.96 -22.11 -46.99
CA SER A 114 6.65 -21.88 -48.40
C SER A 114 5.28 -22.44 -48.74
N PRO A 115 4.46 -21.74 -49.52
CA PRO A 115 3.22 -22.34 -50.04
C PRO A 115 3.43 -23.59 -50.89
N ASN A 116 4.66 -23.86 -51.33
CA ASN A 116 4.92 -25.06 -52.12
C ASN A 116 5.10 -26.31 -51.26
N GLY A 117 5.03 -26.17 -49.94
CA GLY A 117 5.02 -27.29 -49.03
C GLY A 117 6.36 -27.96 -48.77
N ALA A 118 7.41 -27.61 -49.50
CA ALA A 118 8.67 -28.33 -49.37
C ALA A 118 9.66 -27.68 -48.41
N SER A 119 9.59 -26.37 -48.22
CA SER A 119 10.66 -25.65 -47.56
C SER A 119 10.09 -24.61 -46.62
N PHE A 120 10.92 -24.20 -45.67
CA PHE A 120 10.60 -23.06 -44.84
C PHE A 120 11.82 -22.17 -44.76
N VAL A 121 11.59 -20.90 -44.59
CA VAL A 121 12.66 -19.97 -44.33
C VAL A 121 12.65 -19.70 -42.84
N CYS A 122 13.82 -19.63 -42.23
CA CYS A 122 13.85 -19.20 -40.84
C CYS A 122 14.96 -18.22 -40.58
N SER A 123 14.77 -17.49 -39.50
CA SER A 123 15.63 -16.42 -39.03
C SER A 123 16.34 -16.95 -37.79
N ALA A 124 17.67 -16.92 -37.80
CA ALA A 124 18.48 -17.40 -36.68
C ALA A 124 19.41 -16.27 -36.23
N ALA A 125 19.15 -15.72 -35.05
CA ALA A 125 19.80 -14.53 -34.55
C ALA A 125 20.72 -14.89 -33.39
N ALA A 126 21.85 -14.18 -33.33
CA ALA A 126 22.72 -14.28 -32.19
C ALA A 126 21.95 -13.85 -30.95
N PRO A 127 22.47 -14.17 -29.75
CA PRO A 127 21.79 -13.74 -28.53
C PRO A 127 21.71 -12.23 -28.44
N SER A 128 20.69 -11.77 -27.73
CA SER A 128 20.50 -10.35 -27.54
C SER A 128 21.64 -9.74 -26.72
N LEU A 129 21.62 -8.40 -26.61
CA LEU A 129 22.60 -7.61 -25.86
C LEU A 129 23.96 -7.70 -26.54
N GLY A 144 18.10 -1.29 -27.75
CA GLY A 144 19.00 -1.57 -28.85
C GLY A 144 19.63 -2.94 -28.68
N MET A 145 19.05 -3.70 -27.74
CA MET A 145 19.56 -5.01 -27.36
C MET A 145 19.45 -6.03 -28.49
N ASN A 146 18.58 -5.83 -29.47
CA ASN A 146 18.48 -6.85 -30.50
C ASN A 146 18.99 -6.39 -31.88
N GLN A 147 19.89 -5.41 -31.90
CA GLN A 147 20.70 -5.09 -33.07
C GLN A 147 22.00 -5.93 -33.09
N VAL A 148 21.88 -7.24 -32.94
CA VAL A 148 23.03 -8.16 -32.99
C VAL A 148 22.97 -8.88 -34.32
N PRO A 149 23.95 -9.71 -34.68
CA PRO A 149 23.88 -10.36 -35.99
C PRO A 149 22.86 -11.49 -36.03
N GLY A 150 22.64 -11.99 -37.26
CA GLY A 150 21.74 -13.09 -37.51
C GLY A 150 21.86 -13.58 -38.94
N ARG A 151 21.27 -14.75 -39.17
CA ARG A 151 21.23 -15.46 -40.44
C ARG A 151 19.78 -15.52 -40.93
N LEU A 152 19.61 -15.55 -42.24
CA LEU A 152 18.33 -15.86 -42.89
C LEU A 152 18.56 -17.04 -43.82
N LEU A 153 17.93 -18.17 -43.53
CA LEU A 153 18.22 -19.43 -44.21
C LEU A 153 16.96 -20.02 -44.84
N LEU A 154 17.07 -20.45 -46.09
CA LEU A 154 16.06 -21.31 -46.72
C LEU A 154 16.43 -22.77 -46.45
N TRP A 155 15.53 -23.48 -45.77
CA TRP A 155 15.73 -24.87 -45.37
C TRP A 155 14.75 -25.75 -46.13
N ASP A 156 15.26 -26.81 -46.74
CA ASP A 156 14.47 -27.71 -47.58
C ASP A 156 14.17 -28.95 -46.75
N THR A 157 12.89 -29.10 -46.33
CA THR A 157 12.55 -30.05 -45.27
C THR A 157 12.76 -31.49 -45.72
N LYS A 158 12.46 -31.80 -46.98
CA LYS A 158 12.50 -33.18 -47.42
C LYS A 158 13.88 -33.61 -47.91
N THR A 159 14.81 -32.67 -48.07
CA THR A 159 16.21 -33.05 -48.26
C THR A 159 16.96 -33.03 -46.94
N MET A 160 16.39 -32.36 -45.93
CA MET A 160 17.04 -32.13 -44.64
C MET A 160 18.42 -31.50 -44.80
N LYS A 161 18.45 -30.36 -45.48
CA LYS A 161 19.66 -29.56 -45.52
C LYS A 161 19.33 -28.11 -45.84
N GLN A 162 20.23 -27.22 -45.42
CA GLN A 162 20.13 -25.78 -45.68
C GLN A 162 20.32 -25.55 -47.17
N GLN A 163 19.21 -25.26 -47.88
CA GLN A 163 19.28 -25.02 -49.31
C GLN A 163 19.97 -23.69 -49.63
N LEU A 164 19.80 -22.69 -48.79
CA LEU A 164 20.36 -21.40 -49.19
C LEU A 164 20.52 -20.50 -47.97
N GLN A 165 21.58 -19.70 -47.97
CA GLN A 165 21.74 -18.67 -46.98
C GLN A 165 21.67 -17.34 -47.69
N PHE A 166 20.89 -16.42 -47.16
CA PHE A 166 20.68 -15.13 -47.79
C PHE A 166 21.70 -14.12 -47.26
N SER A 167 22.20 -13.29 -48.17
CA SER A 167 23.16 -12.26 -47.83
C SER A 167 22.42 -11.09 -47.21
N LEU A 168 22.77 -10.76 -45.97
CA LEU A 168 22.14 -9.66 -45.29
C LEU A 168 23.12 -8.49 -45.36
N ASP A 169 23.03 -7.73 -46.45
CA ASP A 169 23.83 -6.52 -46.61
C ASP A 169 23.30 -5.43 -45.68
N PRO A 170 24.17 -4.59 -45.12
CA PRO A 170 25.62 -4.72 -45.30
C PRO A 170 26.24 -5.79 -44.36
N GLU A 171 25.78 -5.79 -43.09
CA GLU A 171 26.23 -6.79 -42.13
C GLU A 171 25.09 -7.74 -41.79
N PRO A 172 25.41 -8.97 -41.39
CA PRO A 172 24.39 -9.83 -40.77
C PRO A 172 23.64 -9.09 -39.67
N ILE A 173 22.34 -9.38 -39.55
CA ILE A 173 21.45 -8.66 -38.64
C ILE A 173 20.29 -9.59 -38.26
N ALA A 174 19.75 -9.39 -37.06
CA ALA A 174 18.62 -10.16 -36.58
C ALA A 174 17.36 -9.81 -37.39
N ILE A 175 16.78 -10.82 -38.06
CA ILE A 175 15.55 -10.65 -38.83
C ILE A 175 14.36 -10.94 -37.90
N ASN A 176 13.51 -9.92 -37.67
CA ASN A 176 12.38 -10.06 -36.77
C ASN A 176 11.21 -10.77 -37.41
N CYS A 177 10.97 -10.53 -38.70
CA CYS A 177 9.67 -10.90 -39.23
C CYS A 177 9.79 -11.21 -40.72
N THR A 178 8.98 -12.15 -41.18
CA THR A 178 9.05 -12.65 -42.56
C THR A 178 7.65 -12.95 -43.08
N ALA A 179 7.51 -12.89 -44.40
CA ALA A 179 6.23 -13.24 -45.00
C ALA A 179 6.50 -13.59 -46.46
N PHE A 180 5.89 -14.67 -46.92
CA PHE A 180 5.96 -15.11 -48.31
C PHE A 180 4.85 -14.44 -49.13
N ASN A 181 5.11 -14.25 -50.42
CA ASN A 181 4.04 -13.96 -51.35
C ASN A 181 3.25 -15.25 -51.65
N HIS A 182 2.21 -15.10 -52.49
CA HIS A 182 1.24 -16.18 -52.70
C HIS A 182 1.87 -17.43 -53.34
N ASN A 183 2.83 -17.29 -54.27
CA ASN A 183 3.42 -18.45 -54.95
C ASN A 183 4.73 -18.89 -54.32
N GLY A 184 5.21 -18.20 -53.28
CA GLY A 184 6.42 -18.66 -52.64
C GLY A 184 7.71 -18.24 -53.31
N ASN A 185 7.66 -17.45 -54.38
CA ASN A 185 8.87 -16.94 -55.00
C ASN A 185 9.50 -15.77 -54.24
N LEU A 186 8.71 -15.01 -53.47
CA LEU A 186 9.19 -13.78 -52.83
C LEU A 186 9.04 -13.86 -51.31
N LEU A 187 10.03 -13.33 -50.60
CA LEU A 187 9.92 -13.20 -49.15
C LEU A 187 10.25 -11.76 -48.74
N VAL A 188 9.33 -11.12 -48.02
CA VAL A 188 9.54 -9.81 -47.43
C VAL A 188 9.97 -10.01 -45.97
N THR A 189 10.96 -9.24 -45.53
CA THR A 189 11.54 -9.42 -44.20
C THR A 189 11.75 -8.06 -43.57
N GLY A 190 11.66 -8.02 -42.25
CA GLY A 190 11.94 -6.85 -41.45
C GLY A 190 12.98 -7.17 -40.38
N ALA A 191 14.01 -6.32 -40.29
CA ALA A 191 15.19 -6.59 -39.45
C ALA A 191 15.26 -5.64 -38.26
N ALA A 192 16.19 -5.96 -37.36
CA ALA A 192 16.34 -5.13 -36.17
C ALA A 192 16.89 -3.75 -36.49
N ASP A 193 17.52 -3.59 -37.63
CA ASP A 193 18.13 -2.33 -38.03
C ASP A 193 17.16 -1.39 -38.73
N GLY A 194 15.88 -1.75 -38.81
CA GLY A 194 14.90 -0.90 -39.45
C GLY A 194 14.75 -1.06 -40.95
N VAL A 195 15.43 -2.01 -41.55
CA VAL A 195 15.41 -2.21 -42.99
C VAL A 195 14.45 -3.34 -43.35
N ILE A 196 13.62 -3.09 -44.40
CA ILE A 196 12.87 -4.13 -45.10
C ILE A 196 13.80 -4.71 -46.15
N ARG A 197 13.85 -6.03 -46.24
CA ARG A 197 14.56 -6.69 -47.33
C ARG A 197 13.63 -7.69 -48.03
N LEU A 198 13.52 -7.56 -49.35
CA LEU A 198 12.77 -8.47 -50.19
C LEU A 198 13.73 -9.38 -50.92
N PHE A 199 13.54 -10.69 -50.74
CA PHE A 199 14.42 -11.73 -51.25
C PHE A 199 13.70 -12.59 -52.27
N ASP A 200 14.38 -12.84 -53.37
CA ASP A 200 14.04 -13.87 -54.33
C ASP A 200 14.49 -15.22 -53.78
N MET A 201 13.61 -16.23 -53.82
CA MET A 201 13.91 -17.52 -53.17
C MET A 201 15.02 -18.30 -53.84
N GLN A 202 15.59 -17.82 -54.95
CA GLN A 202 16.71 -18.50 -55.55
C GLN A 202 17.93 -17.63 -55.76
N GLN A 203 17.84 -16.31 -55.56
CA GLN A 203 19.01 -15.45 -55.46
C GLN A 203 19.32 -15.21 -53.99
N HIS A 204 20.57 -15.48 -53.60
CA HIS A 204 21.01 -15.25 -52.23
C HIS A 204 21.16 -13.76 -51.92
N GLU A 205 21.23 -12.93 -52.96
CA GLU A 205 21.22 -11.48 -52.84
C GLU A 205 19.80 -10.92 -52.74
N CYS A 206 19.62 -9.91 -51.89
CA CYS A 206 18.28 -9.41 -51.75
C CYS A 206 17.91 -8.74 -53.06
N ALA A 207 16.66 -8.96 -53.49
CA ALA A 207 16.17 -8.24 -54.65
C ALA A 207 15.93 -6.79 -54.34
N MET A 208 15.77 -6.43 -53.07
CA MET A 208 15.32 -5.08 -52.83
C MET A 208 15.43 -4.83 -51.34
N SER A 209 15.84 -3.63 -50.94
CA SER A 209 15.85 -3.33 -49.51
C SER A 209 15.75 -1.82 -49.35
N TRP A 210 15.22 -1.39 -48.20
CA TRP A 210 15.13 0.04 -47.95
C TRP A 210 14.93 0.28 -46.47
N ARG A 211 15.43 1.43 -46.01
CA ARG A 211 15.18 1.81 -44.62
C ARG A 211 13.71 2.09 -44.44
N ALA A 212 13.13 1.46 -43.44
CA ALA A 212 11.69 1.47 -43.29
C ALA A 212 11.22 2.05 -41.97
N HIS A 213 11.97 1.84 -40.90
CA HIS A 213 11.60 2.40 -39.61
C HIS A 213 12.87 2.83 -38.88
N TYR A 214 12.78 3.93 -38.15
CA TYR A 214 13.86 4.29 -37.25
C TYR A 214 13.60 3.50 -35.96
N GLY A 215 14.20 2.32 -35.90
CA GLY A 215 13.81 1.30 -34.96
C GLY A 215 13.68 -0.03 -35.66
N GLU A 216 13.35 -1.06 -34.87
CA GLU A 216 13.17 -2.38 -35.47
C GLU A 216 11.86 -2.46 -36.23
N VAL A 217 11.88 -3.16 -37.36
CA VAL A 217 10.66 -3.63 -37.99
C VAL A 217 10.07 -4.77 -37.16
N TYR A 218 8.78 -4.70 -36.84
CA TYR A 218 8.20 -5.75 -36.01
C TYR A 218 7.33 -6.74 -36.79
N SER A 219 6.45 -6.26 -37.68
CA SER A 219 5.66 -7.11 -38.57
C SER A 219 5.71 -6.60 -40.00
N VAL A 220 5.69 -7.54 -40.95
CA VAL A 220 5.60 -7.24 -42.38
C VAL A 220 4.54 -8.14 -43.01
N GLU A 221 3.99 -7.68 -44.14
CA GLU A 221 2.99 -8.46 -44.85
C GLU A 221 2.78 -7.89 -46.24
N PHE A 222 2.50 -8.78 -47.19
CA PHE A 222 2.07 -8.35 -48.51
C PHE A 222 0.62 -7.88 -48.46
N SER A 223 0.31 -6.87 -49.28
CA SER A 223 -1.08 -6.54 -49.52
C SER A 223 -1.75 -7.71 -50.21
N TYR A 224 -3.09 -7.67 -50.22
CA TYR A 224 -3.87 -8.74 -50.82
C TYR A 224 -3.48 -8.94 -52.28
N ASP A 225 -3.43 -7.83 -53.04
CA ASP A 225 -3.04 -7.89 -54.43
C ASP A 225 -1.52 -8.00 -54.62
N GLU A 226 -0.76 -7.87 -53.53
CA GLU A 226 0.70 -8.11 -53.51
C GLU A 226 1.47 -7.09 -54.34
N ASN A 227 0.93 -5.91 -54.55
CA ASN A 227 1.71 -4.84 -55.19
C ASN A 227 2.27 -3.85 -54.18
N THR A 228 2.00 -4.07 -52.90
CA THR A 228 2.56 -3.27 -51.84
C THR A 228 2.81 -4.21 -50.67
N VAL A 229 3.63 -3.72 -49.75
CA VAL A 229 3.89 -4.41 -48.51
C VAL A 229 3.61 -3.45 -47.36
N TYR A 230 3.06 -3.98 -46.28
CA TYR A 230 2.84 -3.22 -45.06
C TYR A 230 3.90 -3.56 -44.02
N SER A 231 4.34 -2.55 -43.26
CA SER A 231 5.20 -2.76 -42.09
C SER A 231 4.72 -1.92 -40.92
N ILE A 232 4.95 -2.46 -39.73
CA ILE A 232 4.74 -1.76 -38.48
C ILE A 232 6.08 -1.78 -37.76
N GLY A 233 6.45 -0.64 -37.15
CA GLY A 233 7.80 -0.46 -36.67
C GLY A 233 7.83 0.06 -35.24
N GLU A 234 9.03 -0.02 -34.65
CA GLU A 234 9.25 0.48 -33.30
C GLU A 234 9.08 2.01 -33.21
N ASP A 235 9.40 2.73 -34.26
CA ASP A 235 9.11 4.16 -34.27
C ASP A 235 7.56 4.45 -34.24
N GLY A 236 6.69 3.44 -34.08
CA GLY A 236 5.26 3.65 -33.90
C GLY A 236 4.45 3.83 -35.16
N LYS A 237 5.07 3.69 -36.33
CA LYS A 237 4.43 3.97 -37.59
C LYS A 237 4.02 2.69 -38.34
N PHE A 238 2.96 2.85 -39.10
CA PHE A 238 2.40 1.82 -39.96
C PHE A 238 2.50 2.37 -41.35
N ILE A 239 3.26 1.71 -42.21
CA ILE A 239 3.61 2.27 -43.49
C ILE A 239 3.33 1.23 -44.56
N GLN A 240 2.81 1.70 -45.69
CA GLN A 240 2.62 0.91 -46.90
C GLN A 240 3.61 1.37 -47.95
N TRP A 241 4.31 0.39 -48.55
CA TRP A 241 5.43 0.54 -49.47
C TRP A 241 5.11 -0.05 -50.83
N ASN A 242 5.57 0.64 -51.87
CA ASN A 242 5.39 0.19 -53.24
C ASN A 242 6.57 -0.71 -53.63
N ILE A 243 6.33 -2.02 -53.74
CA ILE A 243 7.43 -2.95 -54.06
C ILE A 243 7.71 -3.07 -55.54
N HIS A 244 6.97 -2.36 -56.38
CA HIS A 244 7.35 -2.15 -57.76
C HIS A 244 8.22 -0.91 -57.96
N LYS A 245 8.52 -0.14 -56.91
CA LYS A 245 9.37 1.04 -56.97
C LYS A 245 10.23 1.17 -55.73
N SER A 246 10.81 0.05 -55.33
CA SER A 246 11.82 -0.10 -54.27
C SER A 246 11.48 0.63 -52.97
N GLY A 247 10.34 0.24 -52.42
CA GLY A 247 9.96 0.81 -51.14
C GLY A 247 9.72 2.30 -51.20
N LEU A 248 9.14 2.77 -52.29
CA LEU A 248 8.58 4.11 -52.29
C LEU A 248 7.43 4.16 -51.31
N LYS A 249 7.50 5.06 -50.33
CA LYS A 249 6.37 5.22 -49.41
C LYS A 249 5.11 5.46 -50.22
N VAL A 250 4.13 4.60 -50.04
CA VAL A 250 2.81 4.88 -50.56
C VAL A 250 1.97 5.62 -49.54
N SER A 251 1.93 5.11 -48.30
CA SER A 251 1.16 5.79 -47.27
C SER A 251 1.84 5.57 -45.92
N GLU A 252 1.57 6.48 -44.99
CA GLU A 252 2.20 6.47 -43.68
C GLU A 252 1.17 6.89 -42.62
N TYR A 253 1.21 6.22 -41.48
CA TYR A 253 0.30 6.54 -40.39
C TYR A 253 1.04 6.32 -39.08
N SER A 254 0.63 7.06 -38.06
CA SER A 254 1.22 6.95 -36.73
C SER A 254 0.17 6.27 -35.87
N LEU A 255 0.42 5.02 -35.52
CA LEU A 255 -0.59 4.33 -34.74
C LEU A 255 -0.48 4.77 -33.29
N PRO A 256 -1.55 4.55 -32.51
CA PRO A 256 -1.45 4.79 -31.06
C PRO A 256 -0.22 4.13 -30.47
N SER A 257 0.24 4.70 -29.36
CA SER A 257 1.42 4.17 -28.68
C SER A 257 1.24 2.73 -28.24
N ASP A 258 0.00 2.32 -27.91
CA ASP A 258 -0.21 0.96 -27.41
C ASP A 258 -0.43 -0.06 -28.54
N ALA A 259 -0.16 0.32 -29.80
CA ALA A 259 -0.19 -0.64 -30.89
C ALA A 259 1.17 -1.29 -31.12
N THR A 260 2.25 -0.60 -30.72
CA THR A 260 3.61 -1.11 -30.89
C THR A 260 4.36 -1.29 -29.58
N GLY A 261 3.74 -0.97 -28.45
CA GLY A 261 4.39 -1.11 -27.17
C GLY A 261 5.58 -0.18 -27.01
N PRO A 262 6.59 -0.59 -26.20
CA PRO A 262 6.70 -1.83 -25.40
C PRO A 262 5.49 -2.10 -24.52
N PHE A 263 5.09 -3.37 -24.38
CA PHE A 263 3.89 -3.71 -23.64
C PHE A 263 4.27 -4.00 -22.19
N VAL A 264 3.60 -3.34 -21.26
CA VAL A 264 3.99 -3.40 -19.85
C VAL A 264 2.78 -3.76 -19.01
N LEU A 265 2.93 -4.79 -18.18
CA LEU A 265 1.93 -5.16 -17.20
C LEU A 265 2.53 -4.86 -15.85
N SER A 266 1.84 -4.05 -15.06
CA SER A 266 2.41 -3.60 -13.80
C SER A 266 1.49 -3.98 -12.65
N GLY A 267 2.08 -4.11 -11.46
CA GLY A 267 1.32 -4.46 -10.27
C GLY A 267 1.64 -3.56 -9.09
N TYR A 268 0.80 -3.67 -8.07
CA TYR A 268 1.00 -2.98 -6.80
C TYR A 268 2.26 -3.43 -6.08
N SER A 269 2.87 -4.54 -6.48
CA SER A 269 3.99 -5.15 -5.77
C SER A 269 5.34 -4.64 -6.25
N GLY A 270 5.39 -3.63 -7.11
CA GLY A 270 6.67 -3.23 -7.66
C GLY A 270 7.23 -4.20 -8.69
N TYR A 271 6.46 -5.21 -9.07
CA TYR A 271 6.88 -6.20 -10.04
C TYR A 271 6.24 -5.88 -11.38
N LYS A 272 7.06 -5.59 -12.39
CA LYS A 272 6.51 -5.29 -13.70
C LYS A 272 7.06 -6.25 -14.76
N GLN A 273 6.22 -6.57 -15.73
CA GLN A 273 6.61 -7.35 -16.89
C GLN A 273 6.63 -6.42 -18.09
N VAL A 274 7.68 -6.49 -18.89
CA VAL A 274 7.78 -5.73 -20.13
C VAL A 274 8.02 -6.69 -21.29
N GLN A 275 7.31 -6.44 -22.40
CA GLN A 275 7.48 -7.28 -23.57
C GLN A 275 7.60 -6.44 -24.83
N VAL A 276 8.72 -6.59 -25.52
CA VAL A 276 8.92 -5.91 -26.80
C VAL A 276 8.19 -6.72 -27.85
N PRO A 277 7.56 -6.06 -28.85
CA PRO A 277 6.92 -6.80 -29.94
C PRO A 277 7.75 -7.96 -30.39
N ARG A 278 7.14 -9.13 -30.27
CA ARG A 278 7.77 -10.38 -30.64
C ARG A 278 6.85 -11.10 -31.61
N GLY A 279 5.53 -10.95 -31.40
CA GLY A 279 4.56 -11.64 -32.21
C GLY A 279 3.92 -10.78 -33.29
N ARG A 280 2.93 -11.38 -33.94
CA ARG A 280 2.09 -10.74 -34.95
C ARG A 280 1.49 -9.44 -34.41
N LEU A 281 1.79 -8.30 -35.04
CA LEU A 281 1.23 -7.04 -34.58
C LEU A 281 0.00 -6.55 -35.35
N PHE A 282 -0.29 -7.10 -36.51
CA PHE A 282 -1.37 -6.50 -37.27
C PHE A 282 -1.90 -7.64 -38.13
N ALA A 283 -3.19 -7.64 -38.38
CA ALA A 283 -3.82 -8.75 -39.07
C ALA A 283 -4.93 -8.21 -39.95
N PHE A 284 -5.27 -8.92 -41.01
CA PHE A 284 -6.14 -8.37 -42.04
C PHE A 284 -7.31 -9.29 -42.33
N ASP A 285 -8.44 -8.67 -42.68
CA ASP A 285 -9.57 -9.43 -43.20
C ASP A 285 -9.20 -10.03 -44.55
N SER A 286 -10.09 -10.89 -45.07
CA SER A 286 -9.71 -11.83 -46.14
C SER A 286 -9.23 -11.14 -47.41
N GLU A 287 -9.57 -9.87 -47.62
CA GLU A 287 -9.07 -9.21 -48.82
C GLU A 287 -8.43 -7.86 -48.53
N GLY A 288 -8.04 -7.62 -47.28
CA GLY A 288 -7.17 -6.50 -47.00
C GLY A 288 -7.84 -5.16 -46.93
N ASN A 289 -9.15 -5.12 -46.68
CA ASN A 289 -9.79 -3.82 -46.55
C ASN A 289 -9.65 -3.26 -45.15
N TYR A 290 -9.52 -4.13 -44.16
CA TYR A 290 -9.47 -3.74 -42.76
C TYR A 290 -8.28 -4.39 -42.09
N MET A 291 -7.83 -3.76 -41.00
CA MET A 291 -6.68 -4.22 -40.25
C MET A 291 -6.98 -4.20 -38.75
N LEU A 292 -6.88 -5.36 -38.14
CA LEU A 292 -6.82 -5.51 -36.70
C LEU A 292 -5.44 -5.10 -36.18
N THR A 293 -5.43 -4.38 -35.04
CA THR A 293 -4.21 -4.06 -34.33
C THR A 293 -4.44 -4.22 -32.83
N CYS A 294 -3.35 -4.02 -32.06
CA CYS A 294 -3.36 -4.15 -30.61
C CYS A 294 -3.69 -2.83 -29.94
N SER A 295 -4.23 -2.91 -28.72
CA SER A 295 -4.37 -1.77 -27.83
C SER A 295 -4.36 -2.31 -26.42
N ALA A 296 -4.44 -1.39 -25.45
CA ALA A 296 -4.37 -1.79 -24.04
C ALA A 296 -5.66 -2.44 -23.56
N THR A 297 -6.76 -2.24 -24.27
CA THR A 297 -8.09 -2.68 -23.88
C THR A 297 -8.64 -3.78 -24.77
N GLY A 298 -8.08 -3.94 -25.97
CA GLY A 298 -8.48 -4.99 -26.89
C GLY A 298 -8.06 -4.63 -28.31
N GLY A 299 -8.54 -5.43 -29.26
CA GLY A 299 -8.19 -5.19 -30.65
C GLY A 299 -8.87 -3.94 -31.17
N VAL A 300 -8.18 -3.23 -32.05
CA VAL A 300 -8.72 -2.04 -32.71
C VAL A 300 -8.68 -2.30 -34.21
N ILE A 301 -9.84 -2.27 -34.88
CA ILE A 301 -9.93 -2.51 -36.31
C ILE A 301 -10.08 -1.17 -37.04
N TYR A 302 -9.17 -0.92 -37.99
CA TYR A 302 -9.18 0.24 -38.86
C TYR A 302 -9.59 -0.16 -40.25
N LYS A 303 -10.31 0.74 -40.94
CA LYS A 303 -10.38 0.58 -42.38
C LYS A 303 -9.05 1.02 -42.98
N LEU A 304 -8.78 0.55 -44.19
CA LEU A 304 -7.53 0.86 -44.87
C LEU A 304 -7.73 1.69 -46.13
N GLY A 305 -8.91 2.24 -46.37
CA GLY A 305 -9.09 3.15 -47.49
C GLY A 305 -8.20 4.38 -47.41
N GLY A 306 -8.16 5.13 -48.52
CA GLY A 306 -7.16 6.16 -48.73
C GLY A 306 -7.50 7.58 -48.31
N ASP A 307 -7.85 7.78 -47.03
CA ASP A 307 -7.89 9.14 -46.49
C ASP A 307 -6.51 9.75 -46.55
N GLU A 308 -5.51 8.96 -46.18
CA GLU A 308 -4.09 9.24 -46.23
C GLU A 308 -3.66 10.23 -45.12
N LYS A 309 -4.55 10.87 -44.37
CA LYS A 309 -3.96 11.61 -43.26
C LYS A 309 -4.05 10.78 -41.98
N VAL A 310 -5.24 10.24 -41.67
CA VAL A 310 -5.43 9.40 -40.50
C VAL A 310 -6.18 8.14 -40.93
N LEU A 311 -6.06 7.06 -40.16
CA LEU A 311 -6.91 5.89 -40.36
C LEU A 311 -8.18 6.00 -39.52
N GLU A 312 -9.31 5.76 -40.16
CA GLU A 312 -10.57 5.67 -39.44
C GLU A 312 -10.71 4.35 -38.68
N SER A 313 -10.94 4.46 -37.36
CA SER A 313 -11.15 3.40 -36.37
C SER A 313 -12.59 2.93 -36.50
N CYS A 314 -12.80 1.86 -37.24
CA CYS A 314 -14.16 1.50 -37.51
C CYS A 314 -14.68 0.47 -36.53
N LEU A 315 -13.86 -0.18 -35.71
CA LEU A 315 -14.50 -1.06 -34.74
C LEU A 315 -13.52 -1.32 -33.60
N SER A 316 -14.03 -1.52 -32.39
CA SER A 316 -13.16 -1.81 -31.26
C SER A 316 -13.73 -2.94 -30.43
N LEU A 317 -12.88 -3.94 -30.19
CA LEU A 317 -13.34 -5.24 -29.69
C LEU A 317 -13.38 -5.32 -28.19
N GLY A 318 -12.45 -4.65 -27.50
CA GLY A 318 -12.36 -4.63 -26.05
C GLY A 318 -12.30 -6.04 -25.46
N GLY A 319 -12.50 -6.09 -24.15
CA GLY A 319 -12.58 -7.33 -23.41
C GLY A 319 -11.35 -7.72 -22.62
N HIS A 320 -10.26 -6.95 -22.66
CA HIS A 320 -9.01 -7.33 -22.01
C HIS A 320 -8.70 -6.42 -20.83
N ARG A 321 -8.31 -7.02 -19.70
CA ARG A 321 -7.79 -6.26 -18.56
C ARG A 321 -6.29 -6.04 -18.61
N ALA A 322 -5.59 -6.61 -19.57
CA ALA A 322 -4.15 -6.45 -19.71
C ALA A 322 -3.85 -6.11 -21.16
N PRO A 323 -2.73 -5.45 -21.42
CA PRO A 323 -2.42 -5.04 -22.78
C PRO A 323 -2.39 -6.21 -23.77
N VAL A 324 -2.90 -5.96 -24.97
CA VAL A 324 -2.85 -6.93 -26.05
C VAL A 324 -1.53 -6.76 -26.79
N VAL A 325 -0.78 -7.85 -26.92
CA VAL A 325 0.56 -7.83 -27.54
C VAL A 325 0.58 -8.49 -28.90
N THR A 326 -0.40 -9.32 -29.24
CA THR A 326 -0.38 -9.98 -30.52
C THR A 326 -1.83 -10.28 -30.91
N VAL A 327 -2.09 -10.30 -32.23
CA VAL A 327 -3.40 -10.46 -32.82
C VAL A 327 -3.34 -11.50 -33.92
N ASP A 328 -4.52 -11.91 -34.38
CA ASP A 328 -4.62 -12.67 -35.62
C ASP A 328 -6.06 -12.54 -36.12
N TRP A 329 -6.24 -12.72 -37.43
CA TRP A 329 -7.56 -12.54 -38.04
C TRP A 329 -7.79 -13.69 -39.01
N SER A 330 -8.75 -14.56 -38.70
CA SER A 330 -9.04 -15.72 -39.52
C SER A 330 -10.33 -15.49 -40.25
N THR A 331 -10.29 -15.62 -41.57
CA THR A 331 -11.44 -15.35 -42.40
C THR A 331 -11.81 -16.57 -43.22
N ALA A 332 -13.10 -16.84 -43.25
CA ALA A 332 -13.78 -17.65 -44.26
C ALA A 332 -15.24 -17.43 -43.92
N MET A 333 -16.14 -17.93 -44.78
CA MET A 333 -17.59 -17.89 -44.54
C MET A 333 -18.20 -16.48 -44.75
N ASP A 334 -17.41 -15.46 -45.13
CA ASP A 334 -17.68 -14.04 -44.81
C ASP A 334 -17.88 -13.82 -43.31
N CYS A 335 -17.49 -14.81 -42.53
CA CYS A 335 -17.56 -14.82 -41.08
C CYS A 335 -16.13 -14.74 -40.52
N GLY A 336 -15.71 -13.54 -40.17
CA GLY A 336 -14.38 -13.36 -39.63
C GLY A 336 -14.28 -13.76 -38.18
N THR A 337 -13.05 -13.95 -37.74
CA THR A 337 -12.78 -14.41 -36.39
C THR A 337 -11.47 -13.77 -35.94
N CYS A 338 -11.57 -12.79 -35.04
CA CYS A 338 -10.43 -12.05 -34.54
C CYS A 338 -9.95 -12.69 -33.24
N LEU A 339 -8.63 -12.80 -33.10
CA LEU A 339 -7.97 -13.24 -31.88
C LEU A 339 -7.16 -12.07 -31.35
N THR A 340 -7.33 -11.81 -30.07
CA THR A 340 -6.53 -10.81 -29.38
C THR A 340 -5.95 -11.49 -28.15
N ALA A 341 -4.63 -11.40 -27.98
CA ALA A 341 -3.95 -12.07 -26.88
C ALA A 341 -3.26 -11.03 -26.00
N SER A 342 -3.29 -11.25 -24.69
CA SER A 342 -2.83 -10.24 -23.77
C SER A 342 -1.92 -10.83 -22.72
N MET A 343 -1.28 -9.91 -21.98
CA MET A 343 -0.18 -10.22 -21.08
C MET A 343 -0.63 -11.00 -19.83
N ASP A 344 -1.92 -11.04 -19.52
CA ASP A 344 -2.42 -11.88 -18.44
C ASP A 344 -2.60 -13.32 -18.89
N GLY A 345 -2.22 -13.63 -20.13
CA GLY A 345 -2.33 -14.95 -20.67
C GLY A 345 -3.66 -15.27 -21.34
N LYS A 346 -4.58 -14.31 -21.39
CA LYS A 346 -5.90 -14.57 -21.92
C LYS A 346 -5.97 -14.28 -23.39
N ILE A 347 -6.80 -15.05 -24.07
CA ILE A 347 -7.02 -14.87 -25.50
C ILE A 347 -8.50 -14.72 -25.73
N LYS A 348 -8.89 -13.61 -26.34
CA LYS A 348 -10.27 -13.33 -26.65
C LYS A 348 -10.49 -13.60 -28.11
N LEU A 349 -11.68 -14.13 -28.40
CA LEU A 349 -12.04 -14.54 -29.75
C LEU A 349 -13.34 -13.82 -30.08
N THR A 350 -13.28 -12.90 -31.01
CA THR A 350 -14.42 -12.09 -31.40
C THR A 350 -14.83 -12.51 -32.80
N THR A 351 -16.09 -12.90 -32.96
CA THR A 351 -16.61 -13.34 -34.25
C THR A 351 -17.37 -12.21 -34.90
N LEU A 352 -17.08 -11.94 -36.17
CA LEU A 352 -17.69 -10.86 -36.91
C LEU A 352 -18.36 -11.40 -38.16
N LEU A 353 -19.38 -10.69 -38.62
CA LEU A 353 -19.99 -10.92 -39.91
C LEU A 353 -19.78 -9.69 -40.77
N ALA A 354 -19.32 -9.91 -42.00
CA ALA A 354 -19.08 -8.82 -42.94
C ALA A 354 -20.35 -8.55 -43.73
N HIS A 355 -20.61 -7.27 -43.98
CA HIS A 355 -21.77 -6.87 -44.76
C HIS A 355 -21.36 -5.87 -45.85
N GLN B 4 36.26 -17.18 6.99
CA GLN B 4 35.23 -18.23 6.86
C GLN B 4 34.85 -18.84 8.22
N PRO B 5 34.19 -18.05 9.09
CA PRO B 5 33.87 -18.52 10.46
C PRO B 5 32.70 -19.49 10.55
N PHE B 6 31.90 -19.62 9.50
CA PHE B 6 30.84 -20.62 9.42
C PHE B 6 31.29 -21.79 8.55
N ILE B 7 30.84 -22.98 8.92
CA ILE B 7 30.94 -24.15 8.05
C ILE B 7 29.60 -24.35 7.36
N VAL B 8 29.63 -24.53 6.05
CA VAL B 8 28.42 -24.76 5.26
C VAL B 8 28.08 -26.24 5.32
N LEU B 9 26.94 -26.57 5.93
CA LEU B 9 26.57 -27.95 6.16
C LEU B 9 25.81 -28.54 4.98
N GLY B 10 25.19 -27.68 4.17
CA GLY B 10 24.39 -28.16 3.05
C GLY B 10 23.60 -27.03 2.44
N GLN B 11 23.08 -27.24 1.24
CA GLN B 11 22.29 -26.22 0.54
C GLN B 11 21.31 -26.98 -0.33
N GLU B 12 20.02 -26.90 -0.01
CA GLU B 12 19.00 -27.54 -0.82
C GLU B 12 18.05 -26.50 -1.39
N GLU B 13 17.24 -26.92 -2.37
CA GLU B 13 16.43 -26.02 -3.18
C GLU B 13 14.96 -26.36 -3.03
N TYR B 14 14.14 -25.37 -2.65
CA TYR B 14 12.69 -25.44 -2.74
C TYR B 14 12.26 -24.88 -4.08
N GLY B 15 11.63 -25.73 -4.91
CA GLY B 15 11.34 -25.36 -6.29
C GLY B 15 9.87 -25.30 -6.65
N GLU B 16 8.97 -25.33 -5.67
CA GLU B 16 7.52 -25.43 -5.94
C GLU B 16 6.88 -24.14 -6.41
N HIS B 17 7.57 -23.01 -6.32
CA HIS B 17 7.08 -21.78 -6.93
C HIS B 17 7.54 -21.73 -8.38
N HIS B 18 6.64 -21.29 -9.25
CA HIS B 18 6.98 -21.10 -10.66
C HIS B 18 7.00 -19.64 -11.07
N SER B 19 6.80 -18.71 -10.13
CA SER B 19 6.85 -17.28 -10.40
C SER B 19 7.88 -16.62 -9.51
N SER B 20 8.27 -15.39 -9.85
CA SER B 20 9.27 -14.69 -9.07
C SER B 20 8.82 -14.61 -7.61
N ILE B 21 9.77 -14.83 -6.69
CA ILE B 21 9.51 -14.75 -5.26
C ILE B 21 9.43 -13.30 -4.81
N MET B 22 8.39 -12.96 -4.06
CA MET B 22 8.23 -11.67 -3.39
C MET B 22 8.65 -11.71 -1.93
N HIS B 23 8.26 -12.76 -1.19
CA HIS B 23 8.54 -12.87 0.23
C HIS B 23 8.87 -14.30 0.61
N CYS B 24 9.63 -14.41 1.70
CA CYS B 24 10.18 -15.68 2.17
C CYS B 24 10.60 -15.53 3.63
N ARG B 25 9.83 -16.10 4.56
CA ARG B 25 10.07 -15.87 5.98
C ARG B 25 9.91 -17.19 6.72
N VAL B 26 10.85 -17.46 7.59
CA VAL B 26 10.73 -18.55 8.55
C VAL B 26 9.79 -18.14 9.68
N ASP B 27 9.07 -19.12 10.21
CA ASP B 27 8.15 -18.88 11.30
C ASP B 27 8.93 -18.76 12.61
N CYS B 28 8.20 -18.55 13.70
CA CYS B 28 8.82 -18.39 15.00
C CYS B 28 9.50 -19.67 15.47
N SER B 29 8.96 -20.83 15.12
CA SER B 29 9.57 -22.08 15.58
C SER B 29 10.84 -22.45 14.82
N GLY B 30 11.15 -21.78 13.71
CA GLY B 30 12.32 -22.13 12.93
C GLY B 30 12.19 -23.42 12.14
N ARG B 31 11.01 -24.00 12.08
CA ARG B 31 10.84 -25.27 11.39
C ARG B 31 9.98 -25.20 10.14
N ARG B 32 9.39 -24.03 9.83
CA ARG B 32 8.52 -23.84 8.67
C ARG B 32 8.92 -22.56 7.94
N VAL B 33 8.51 -22.49 6.69
CA VAL B 33 8.71 -21.32 5.85
C VAL B 33 7.38 -20.98 5.22
N ALA B 34 7.04 -19.70 5.21
CA ALA B 34 6.00 -19.17 4.33
C ALA B 34 6.65 -18.36 3.22
N SER B 35 6.29 -18.65 1.98
CA SER B 35 6.81 -17.91 0.84
C SER B 35 5.68 -17.56 -0.12
N LEU B 36 5.87 -16.46 -0.82
CA LEU B 36 4.83 -15.89 -1.63
C LEU B 36 5.47 -15.41 -2.91
N ASP B 37 4.89 -15.77 -4.06
CA ASP B 37 5.40 -15.28 -5.33
C ASP B 37 4.50 -14.18 -5.91
N VAL B 38 4.96 -13.55 -6.98
CA VAL B 38 4.21 -12.46 -7.60
C VAL B 38 2.91 -12.93 -8.25
N ASP B 39 2.70 -14.24 -8.41
CA ASP B 39 1.44 -14.75 -8.91
C ASP B 39 0.42 -14.95 -7.78
N GLY B 40 0.74 -14.50 -6.58
CA GLY B 40 -0.19 -14.67 -5.49
C GLY B 40 -0.21 -16.07 -4.92
N VAL B 41 0.73 -16.92 -5.28
CA VAL B 41 0.77 -18.24 -4.67
C VAL B 41 1.51 -18.16 -3.35
N ILE B 42 0.88 -18.70 -2.31
CA ILE B 42 1.41 -18.82 -0.97
C ILE B 42 1.71 -20.29 -0.73
N LYS B 43 2.94 -20.56 -0.26
CA LYS B 43 3.39 -21.90 0.06
C LYS B 43 3.86 -21.92 1.49
N VAL B 44 3.33 -22.83 2.29
CA VAL B 44 3.85 -23.11 3.62
C VAL B 44 4.51 -24.47 3.59
N TRP B 45 5.79 -24.54 3.95
CA TRP B 45 6.57 -25.77 3.84
C TRP B 45 7.54 -25.88 5.00
N SER B 46 7.81 -27.09 5.47
CA SER B 46 8.85 -27.27 6.48
C SER B 46 10.14 -27.70 5.82
N PHE B 47 11.24 -27.55 6.57
CA PHE B 47 12.51 -28.13 6.15
C PHE B 47 13.18 -28.92 7.26
N ASN B 48 12.65 -28.85 8.49
CA ASN B 48 13.15 -29.53 9.68
C ASN B 48 12.12 -30.53 10.16
N PRO B 49 12.33 -31.85 10.04
CA PRO B 49 13.58 -32.57 9.72
C PRO B 49 13.85 -32.69 8.24
N ILE B 50 12.80 -32.71 7.43
CA ILE B 50 12.93 -32.73 5.98
C ILE B 50 12.10 -31.60 5.39
N MET B 51 12.26 -31.48 4.09
CA MET B 51 11.63 -30.47 3.30
C MET B 51 10.40 -31.03 2.64
N GLN B 52 9.25 -30.47 2.97
CA GLN B 52 7.94 -30.97 2.60
C GLN B 52 6.94 -29.85 2.63
N THR B 53 6.20 -29.65 1.54
CA THR B 53 5.13 -28.67 1.55
C THR B 53 4.01 -29.11 2.49
N LYS B 54 3.53 -28.16 3.30
CA LYS B 54 2.44 -28.37 4.23
C LYS B 54 1.14 -27.69 3.81
N ALA B 55 1.21 -26.60 3.06
CA ALA B 55 -0.02 -25.92 2.68
C ALA B 55 0.26 -25.06 1.46
N SER B 56 -0.80 -24.73 0.76
CA SER B 56 -0.68 -24.03 -0.50
C SER B 56 -2.01 -23.37 -0.79
N SER B 57 -1.96 -22.11 -1.19
CA SER B 57 -3.19 -21.44 -1.60
C SER B 57 -2.79 -20.41 -2.64
N ILE B 58 -3.75 -20.00 -3.46
CA ILE B 58 -3.52 -19.07 -4.54
C ILE B 58 -4.47 -17.91 -4.27
N SER B 59 -3.98 -16.69 -4.41
CA SER B 59 -4.77 -15.54 -4.02
C SER B 59 -5.41 -14.94 -5.27
N LYS B 60 -6.73 -14.75 -5.19
CA LYS B 60 -7.46 -13.97 -6.19
C LYS B 60 -6.91 -12.55 -6.28
N SER B 61 -6.94 -11.82 -5.15
CA SER B 61 -6.40 -10.48 -5.06
C SER B 61 -4.87 -10.51 -5.04
N PRO B 62 -4.21 -9.40 -5.37
CA PRO B 62 -2.75 -9.35 -5.24
C PRO B 62 -2.34 -9.38 -3.77
N LEU B 63 -1.17 -9.98 -3.49
CA LEU B 63 -0.65 -10.02 -2.12
C LEU B 63 0.69 -9.30 -2.09
N LEU B 64 0.83 -8.34 -1.18
CA LEU B 64 2.03 -7.52 -1.11
C LEU B 64 2.92 -7.80 0.11
N SER B 65 2.40 -8.42 1.16
CA SER B 65 3.23 -8.60 2.35
C SER B 65 2.75 -9.81 3.14
N LEU B 66 3.54 -10.17 4.15
CA LEU B 66 3.45 -11.48 4.78
C LEU B 66 4.18 -11.38 6.10
N GLU B 67 3.68 -12.07 7.12
CA GLU B 67 4.17 -11.95 8.49
C GLU B 67 3.60 -13.07 9.37
N TRP B 68 4.45 -13.88 9.98
CA TRP B 68 3.98 -14.89 10.93
C TRP B 68 3.45 -14.22 12.18
N ALA B 69 2.38 -14.78 12.75
CA ALA B 69 1.87 -14.29 14.03
C ALA B 69 2.77 -14.80 15.15
N THR B 70 2.78 -14.09 16.28
CA THR B 70 3.88 -14.38 17.19
C THR B 70 3.53 -15.41 18.27
N LYS B 71 2.37 -15.29 18.91
CA LYS B 71 2.04 -16.26 19.94
C LYS B 71 1.05 -17.34 19.46
N ARG B 72 0.18 -17.04 18.51
CA ARG B 72 -0.43 -18.07 17.69
C ARG B 72 0.61 -18.59 16.70
N ASP B 73 1.22 -19.74 16.96
CA ASP B 73 1.97 -20.33 15.86
C ASP B 73 1.02 -20.81 14.78
N ARG B 74 1.56 -21.08 13.61
CA ARG B 74 0.80 -21.56 12.47
C ARG B 74 -0.19 -20.54 11.94
N LEU B 75 -0.22 -19.33 12.51
CA LEU B 75 -1.06 -18.26 11.99
C LEU B 75 -0.20 -17.34 11.14
N LEU B 76 -0.56 -17.20 9.87
CA LEU B 76 0.14 -16.37 8.91
C LEU B 76 -0.71 -15.15 8.59
N LEU B 77 -0.11 -13.96 8.65
CA LEU B 77 -0.78 -12.72 8.27
C LEU B 77 -0.39 -12.35 6.84
N LEU B 78 -1.37 -12.06 6.00
CA LEU B 78 -1.12 -11.70 4.62
C LEU B 78 -1.65 -10.29 4.38
N GLY B 79 -0.83 -9.43 3.79
CA GLY B 79 -1.28 -8.09 3.43
C GLY B 79 -1.55 -8.07 1.94
N SER B 80 -2.72 -7.55 1.56
CA SER B 80 -3.16 -7.61 0.18
C SER B 80 -3.00 -6.27 -0.53
N GLY B 81 -3.23 -6.29 -1.84
CA GLY B 81 -3.36 -5.06 -2.59
C GLY B 81 -4.78 -4.52 -2.68
N VAL B 82 -5.71 -5.10 -1.92
CA VAL B 82 -7.10 -4.63 -1.94
C VAL B 82 -7.44 -4.08 -0.56
N GLY B 83 -6.43 -3.53 0.12
CA GLY B 83 -6.63 -2.90 1.42
C GLY B 83 -7.07 -3.80 2.55
N THR B 84 -6.66 -5.07 2.55
CA THR B 84 -7.08 -6.02 3.57
C THR B 84 -5.88 -6.80 4.11
N VAL B 85 -6.10 -7.40 5.29
CA VAL B 85 -5.16 -8.33 5.91
C VAL B 85 -5.90 -9.65 6.15
N ARG B 86 -5.32 -10.77 5.69
CA ARG B 86 -5.90 -12.09 5.90
C ARG B 86 -5.20 -12.81 7.03
N LEU B 87 -6.00 -13.51 7.84
CA LEU B 87 -5.49 -14.44 8.86
C LEU B 87 -5.59 -15.83 8.25
N TYR B 88 -4.48 -16.33 7.73
CA TYR B 88 -4.40 -17.67 7.18
C TYR B 88 -3.93 -18.66 8.25
N ASP B 89 -4.75 -19.66 8.55
CA ASP B 89 -4.40 -20.71 9.50
C ASP B 89 -3.69 -21.83 8.75
N THR B 90 -2.39 -22.00 9.02
CA THR B 90 -1.57 -22.94 8.26
C THR B 90 -1.77 -24.39 8.72
N GLU B 91 -2.28 -24.61 9.92
CA GLU B 91 -2.66 -25.97 10.28
C GLU B 91 -4.06 -26.35 9.78
N ALA B 92 -5.01 -25.41 9.77
CA ALA B 92 -6.32 -25.67 9.20
C ALA B 92 -6.36 -25.52 7.67
N LYS B 93 -5.32 -24.96 7.05
CA LYS B 93 -5.25 -24.75 5.60
C LYS B 93 -6.39 -23.87 5.10
N LYS B 94 -6.90 -22.99 5.95
CA LYS B 94 -8.03 -22.14 5.55
C LYS B 94 -7.80 -20.72 6.05
N ASN B 95 -8.49 -19.78 5.40
CA ASN B 95 -8.50 -18.41 5.89
C ASN B 95 -9.44 -18.30 7.09
N LEU B 96 -8.99 -17.62 8.14
CA LEU B 96 -9.82 -17.38 9.31
C LEU B 96 -10.68 -16.13 9.16
N CYS B 97 -10.11 -15.06 8.62
CA CYS B 97 -10.84 -13.80 8.49
C CYS B 97 -10.02 -12.83 7.66
N GLU B 98 -10.73 -11.84 7.12
CA GLU B 98 -10.15 -10.80 6.29
C GLU B 98 -10.49 -9.46 6.95
N ILE B 99 -9.50 -8.86 7.60
CA ILE B 99 -9.64 -7.57 8.24
C ILE B 99 -9.56 -6.49 7.15
N ASN B 100 -10.58 -5.64 7.09
CA ASN B 100 -10.61 -4.59 6.08
C ASN B 100 -9.91 -3.37 6.66
N ILE B 101 -8.72 -3.07 6.13
CA ILE B 101 -7.93 -1.97 6.65
C ILE B 101 -8.38 -0.65 6.05
N ASN B 102 -8.22 -0.50 4.75
CA ASN B 102 -8.49 0.78 4.12
C ASN B 102 -8.89 0.54 2.68
N ASP B 103 -9.94 1.23 2.25
CA ASP B 103 -10.28 1.19 0.84
C ASP B 103 -9.43 2.16 0.01
N ASN B 104 -9.24 3.42 0.44
CA ASN B 104 -8.61 4.37 -0.48
C ASN B 104 -7.10 4.23 -0.54
N MET B 105 -6.49 3.45 0.35
CA MET B 105 -5.05 3.20 0.28
C MET B 105 -4.88 1.69 0.35
N PRO B 106 -4.94 1.02 -0.80
CA PRO B 106 -5.10 -0.42 -0.81
C PRO B 106 -3.82 -1.25 -0.69
N ARG B 107 -2.64 -0.64 -0.68
CA ARG B 107 -1.41 -1.43 -0.74
C ARG B 107 -0.94 -1.67 0.68
N ILE B 108 -1.18 -2.89 1.18
CA ILE B 108 -0.73 -3.23 2.54
C ILE B 108 0.75 -3.60 2.45
N LEU B 109 1.61 -2.59 2.58
CA LEU B 109 3.01 -2.81 2.23
C LEU B 109 3.78 -3.57 3.30
N SER B 110 3.34 -3.50 4.55
CA SER B 110 4.17 -3.97 5.65
C SER B 110 3.26 -4.32 6.83
N LEU B 111 3.69 -5.34 7.58
CA LEU B 111 2.94 -5.91 8.69
C LEU B 111 3.93 -6.28 9.77
N ALA B 112 3.57 -6.01 11.01
CA ALA B 112 4.45 -6.29 12.14
C ALA B 112 3.58 -6.81 13.27
N CYS B 113 3.90 -7.98 13.78
CA CYS B 113 3.17 -8.54 14.90
C CYS B 113 3.95 -8.27 16.17
N SER B 114 3.22 -7.89 17.22
CA SER B 114 3.87 -7.66 18.50
C SER B 114 4.51 -8.94 19.02
N PRO B 115 5.66 -8.86 19.67
CA PRO B 115 6.19 -10.04 20.38
C PRO B 115 5.28 -10.58 21.48
N ASN B 116 4.33 -9.79 21.98
CA ASN B 116 3.38 -10.29 22.99
C ASN B 116 2.29 -11.14 22.38
N GLY B 117 1.91 -10.85 21.14
CA GLY B 117 0.84 -11.56 20.45
C GLY B 117 -0.50 -10.85 20.39
N ALA B 118 -0.64 -9.69 21.04
CA ALA B 118 -1.95 -9.02 21.13
C ALA B 118 -2.23 -8.14 19.92
N SER B 119 -1.27 -7.30 19.54
CA SER B 119 -1.42 -6.23 18.55
C SER B 119 -0.58 -6.50 17.31
N PHE B 120 -1.07 -6.04 16.16
CA PHE B 120 -0.23 -6.00 14.97
C PHE B 120 -0.28 -4.60 14.36
N VAL B 121 0.86 -4.19 13.81
CA VAL B 121 0.97 -2.91 13.13
C VAL B 121 0.90 -3.14 11.63
N CYS B 122 0.18 -2.27 10.97
CA CYS B 122 -0.14 -2.40 9.58
C CYS B 122 0.26 -1.11 8.86
N SER B 123 0.83 -1.26 7.67
CA SER B 123 1.15 -0.13 6.80
C SER B 123 0.27 -0.15 5.55
N ALA B 124 -0.54 0.90 5.35
CA ALA B 124 -1.42 0.96 4.18
C ALA B 124 -1.07 2.18 3.34
N ALA B 125 -0.78 1.96 2.06
CA ALA B 125 -0.33 3.01 1.17
C ALA B 125 -1.24 3.15 -0.06
N ALA B 126 -1.23 4.37 -0.59
CA ALA B 126 -1.95 4.67 -1.80
C ALA B 126 -1.28 3.97 -2.98
N PRO B 127 -1.98 3.85 -4.11
CA PRO B 127 -1.36 3.24 -5.27
C PRO B 127 -0.11 4.00 -5.71
N SER B 128 0.76 3.28 -6.40
CA SER B 128 2.00 3.83 -6.92
C SER B 128 1.76 4.74 -8.12
N LEU B 129 2.84 5.38 -8.58
CA LEU B 129 2.87 6.20 -9.80
C LEU B 129 1.96 7.41 -9.70
N MET B 145 6.70 6.02 -9.30
CA MET B 145 7.27 6.40 -8.02
C MET B 145 6.33 6.25 -6.83
N ASN B 146 6.93 6.12 -5.64
CA ASN B 146 6.26 5.70 -4.42
C ASN B 146 6.02 6.84 -3.44
N GLN B 147 6.43 8.08 -3.76
CA GLN B 147 6.19 9.18 -2.82
C GLN B 147 4.71 9.55 -2.81
N VAL B 148 3.87 8.57 -2.44
CA VAL B 148 2.42 8.72 -2.37
C VAL B 148 2.05 8.62 -0.90
N PRO B 149 0.91 9.17 -0.48
CA PRO B 149 0.55 9.09 0.95
C PRO B 149 0.43 7.64 1.42
N GLY B 150 0.58 7.49 2.74
CA GLY B 150 0.35 6.23 3.42
C GLY B 150 -0.01 6.51 4.85
N ARG B 151 -0.57 5.51 5.51
CA ARG B 151 -0.89 5.63 6.92
C ARG B 151 -0.39 4.38 7.64
N LEU B 152 -0.20 4.52 8.94
CA LEU B 152 0.32 3.44 9.78
C LEU B 152 -0.59 3.22 10.98
N LEU B 153 -1.04 1.98 11.17
CA LEU B 153 -2.13 1.67 12.10
C LEU B 153 -1.66 0.65 13.12
N LEU B 154 -1.89 0.95 14.40
CA LEU B 154 -1.79 -0.02 15.47
C LEU B 154 -3.18 -0.62 15.64
N TRP B 155 -3.29 -1.89 15.26
CA TRP B 155 -4.51 -2.67 15.27
C TRP B 155 -4.40 -3.66 16.42
N ASP B 156 -5.45 -3.80 17.21
CA ASP B 156 -5.45 -4.80 18.27
C ASP B 156 -6.55 -5.80 17.94
N THR B 157 -6.15 -7.05 17.67
CA THR B 157 -7.11 -8.15 17.67
C THR B 157 -7.80 -8.25 19.03
N LYS B 158 -7.08 -7.87 20.10
CA LYS B 158 -7.62 -7.83 21.46
C LYS B 158 -8.74 -6.79 21.63
N THR B 159 -8.94 -5.90 20.66
CA THR B 159 -10.08 -4.99 20.67
C THR B 159 -10.95 -5.09 19.42
N MET B 160 -10.36 -5.44 18.27
CA MET B 160 -11.01 -5.52 16.96
C MET B 160 -11.34 -4.13 16.38
N LYS B 161 -10.47 -3.16 16.62
CA LYS B 161 -10.48 -1.92 15.86
C LYS B 161 -9.05 -1.41 15.89
N GLN B 162 -8.77 -0.40 15.08
CA GLN B 162 -7.53 0.37 15.23
C GLN B 162 -7.53 1.14 16.54
N GLN B 163 -6.56 0.81 17.42
CA GLN B 163 -6.41 1.61 18.61
C GLN B 163 -5.79 2.93 18.22
N LEU B 164 -4.81 2.89 17.31
CA LEU B 164 -4.06 4.12 17.15
C LEU B 164 -3.63 4.29 15.70
N GLN B 165 -3.70 5.51 15.20
CA GLN B 165 -3.10 5.85 13.93
C GLN B 165 -1.89 6.74 14.18
N PHE B 166 -0.74 6.30 13.70
CA PHE B 166 0.50 6.97 14.00
C PHE B 166 0.64 8.23 13.17
N SER B 167 1.39 9.19 13.73
CA SER B 167 1.58 10.49 13.11
C SER B 167 2.79 10.41 12.18
N LEU B 168 2.57 10.62 10.88
CA LEU B 168 3.62 10.54 9.88
C LEU B 168 3.94 11.97 9.47
N ASP B 169 4.86 12.58 10.21
CA ASP B 169 5.37 13.91 9.91
C ASP B 169 6.46 13.79 8.84
N PRO B 170 6.57 14.77 7.93
CA PRO B 170 5.68 15.93 7.87
C PRO B 170 4.30 15.63 7.28
N GLU B 171 4.25 14.76 6.28
CA GLU B 171 3.02 14.44 5.59
C GLU B 171 2.85 12.92 5.56
N PRO B 172 1.63 12.44 5.35
CA PRO B 172 1.45 11.00 5.17
C PRO B 172 2.28 10.50 4.01
N ILE B 173 2.92 9.34 4.21
CA ILE B 173 3.87 8.79 3.24
C ILE B 173 3.82 7.29 3.37
N ALA B 174 4.02 6.59 2.25
CA ALA B 174 4.06 5.14 2.28
C ALA B 174 5.21 4.63 3.14
N ILE B 175 4.91 3.67 4.00
CA ILE B 175 5.89 3.04 4.87
C ILE B 175 6.22 1.67 4.25
N ASN B 176 7.49 1.47 3.89
CA ASN B 176 7.90 0.24 3.23
C ASN B 176 8.15 -0.92 4.19
N CYS B 177 8.70 -0.66 5.38
CA CYS B 177 9.24 -1.69 6.25
C CYS B 177 9.04 -1.34 7.71
N THR B 178 8.83 -2.38 8.52
CA THR B 178 8.55 -2.24 9.94
C THR B 178 9.35 -3.29 10.70
N ALA B 179 9.56 -3.05 11.98
CA ALA B 179 10.26 -4.02 12.83
C ALA B 179 10.11 -3.62 14.30
N PHE B 180 9.70 -4.58 15.14
CA PHE B 180 9.57 -4.41 16.59
C PHE B 180 10.90 -4.71 17.28
N ASN B 181 11.15 -4.02 18.40
CA ASN B 181 12.20 -4.46 19.32
C ASN B 181 11.71 -5.70 20.09
N HIS B 182 12.52 -6.17 21.04
CA HIS B 182 12.30 -7.48 21.66
C HIS B 182 11.07 -7.54 22.56
N ASN B 183 10.53 -6.39 23.01
CA ASN B 183 9.37 -6.37 23.91
C ASN B 183 8.14 -5.70 23.28
N GLY B 184 8.19 -5.37 22.00
CA GLY B 184 7.03 -4.77 21.39
C GLY B 184 6.71 -3.37 21.83
N ASN B 185 7.65 -2.67 22.45
CA ASN B 185 7.34 -1.30 22.85
C ASN B 185 7.76 -0.29 21.80
N LEU B 186 8.66 -0.67 20.90
CA LEU B 186 9.17 0.25 19.89
C LEU B 186 9.00 -0.36 18.50
N LEU B 187 8.64 0.50 17.55
CA LEU B 187 8.57 0.08 16.15
C LEU B 187 9.50 1.00 15.36
N VAL B 188 10.39 0.42 14.57
CA VAL B 188 11.20 1.20 13.64
C VAL B 188 10.65 0.99 12.24
N THR B 189 10.61 2.07 11.47
CA THR B 189 9.97 2.09 10.14
C THR B 189 10.89 2.84 9.19
N GLY B 190 10.86 2.43 7.93
CA GLY B 190 11.47 3.19 6.83
C GLY B 190 10.42 3.52 5.78
N ALA B 191 10.51 4.71 5.19
CA ALA B 191 9.44 5.16 4.30
C ALA B 191 9.93 5.49 2.89
N ALA B 192 8.96 5.64 1.99
CA ALA B 192 9.25 5.94 0.60
C ALA B 192 9.91 7.30 0.41
N ASP B 193 9.86 8.18 1.43
CA ASP B 193 10.54 9.47 1.39
C ASP B 193 11.95 9.43 2.03
N GLY B 194 12.48 8.23 2.32
CA GLY B 194 13.83 8.14 2.84
C GLY B 194 13.97 8.32 4.33
N VAL B 195 12.87 8.60 5.03
CA VAL B 195 12.91 8.90 6.45
C VAL B 195 12.69 7.61 7.23
N ILE B 196 13.48 7.44 8.29
CA ILE B 196 13.27 6.39 9.29
C ILE B 196 12.52 7.04 10.46
N ARG B 197 11.46 6.37 10.91
CA ARG B 197 10.64 6.86 12.01
C ARG B 197 10.53 5.77 13.07
N LEU B 198 10.87 6.14 14.30
CA LEU B 198 10.76 5.27 15.46
C LEU B 198 9.50 5.68 16.22
N PHE B 199 8.62 4.70 16.42
CA PHE B 199 7.32 4.91 17.00
C PHE B 199 7.21 4.20 18.33
N ASP B 200 6.40 4.81 19.18
CA ASP B 200 6.08 4.39 20.52
C ASP B 200 4.70 3.77 20.55
N MET B 201 4.60 2.51 20.97
CA MET B 201 3.31 1.83 20.82
C MET B 201 2.23 2.43 21.71
N GLN B 202 2.55 3.46 22.48
CA GLN B 202 1.57 4.16 23.28
C GLN B 202 1.49 5.65 22.98
N GLN B 203 2.34 6.18 22.10
CA GLN B 203 2.18 7.54 21.61
C GLN B 203 1.81 7.50 20.13
N HIS B 204 0.70 8.14 19.77
CA HIS B 204 0.43 8.36 18.36
C HIS B 204 1.51 9.25 17.74
N GLU B 205 2.16 10.07 18.55
CA GLU B 205 3.24 10.92 18.03
C GLU B 205 4.50 10.10 17.78
N CYS B 206 5.13 10.37 16.65
CA CYS B 206 6.42 9.79 16.33
C CYS B 206 7.47 10.18 17.37
N ALA B 207 8.15 9.19 17.93
CA ALA B 207 9.12 9.43 18.99
C ALA B 207 10.47 9.86 18.46
N MET B 208 10.83 9.45 17.23
CA MET B 208 12.15 9.78 16.69
C MET B 208 12.10 9.68 15.16
N SER B 209 12.74 10.61 14.46
CA SER B 209 12.70 10.49 13.01
C SER B 209 13.86 11.27 12.41
N TRP B 210 14.36 10.77 11.27
CA TRP B 210 15.48 11.42 10.61
C TRP B 210 15.57 10.98 9.15
N ARG B 211 16.17 11.85 8.32
CA ARG B 211 16.41 11.51 6.91
C ARG B 211 17.48 10.41 6.91
N ALA B 212 17.18 9.27 6.27
CA ALA B 212 18.13 8.16 6.29
C ALA B 212 18.71 7.82 4.94
N HIS B 213 17.96 7.97 3.86
CA HIS B 213 18.49 7.58 2.56
C HIS B 213 18.09 8.60 1.52
N TYR B 214 18.90 8.71 0.49
CA TYR B 214 18.44 9.34 -0.72
C TYR B 214 17.53 8.34 -1.42
N GLY B 215 16.23 8.65 -1.49
CA GLY B 215 15.27 7.70 -2.03
C GLY B 215 14.69 6.80 -0.95
N GLU B 216 14.08 5.70 -1.38
CA GLU B 216 13.29 4.88 -0.47
C GLU B 216 14.19 4.14 0.53
N VAL B 217 13.66 3.96 1.75
CA VAL B 217 14.17 2.97 2.70
C VAL B 217 13.47 1.66 2.41
N TYR B 218 14.24 0.56 2.27
CA TYR B 218 13.69 -0.76 1.94
C TYR B 218 13.54 -1.67 3.15
N SER B 219 14.54 -1.69 4.02
CA SER B 219 14.43 -2.56 5.19
C SER B 219 15.05 -1.85 6.37
N VAL B 220 14.59 -2.22 7.57
CA VAL B 220 15.10 -1.72 8.83
C VAL B 220 15.10 -2.86 9.84
N GLU B 221 16.07 -2.81 10.76
CA GLU B 221 16.07 -3.80 11.83
C GLU B 221 16.77 -3.21 13.04
N PHE B 222 16.30 -3.55 14.24
CA PHE B 222 17.07 -3.28 15.44
C PHE B 222 18.29 -4.18 15.47
N SER B 223 19.43 -3.62 15.87
CA SER B 223 20.57 -4.46 16.17
C SER B 223 20.21 -5.41 17.31
N TYR B 224 21.06 -6.40 17.53
CA TYR B 224 20.77 -7.37 18.59
C TYR B 224 20.66 -6.68 19.96
N ASP B 225 21.59 -5.78 20.27
CA ASP B 225 21.50 -5.13 21.57
C ASP B 225 20.50 -3.98 21.59
N GLU B 226 19.97 -3.59 20.43
CA GLU B 226 18.84 -2.65 20.33
C GLU B 226 19.22 -1.25 20.79
N ASN B 227 20.50 -0.94 20.70
CA ASN B 227 20.96 0.43 20.87
C ASN B 227 21.14 1.15 19.54
N THR B 228 21.26 0.41 18.44
CA THR B 228 21.28 0.96 17.08
C THR B 228 20.16 0.33 16.25
N VAL B 229 19.90 0.90 15.08
CA VAL B 229 19.02 0.31 14.08
C VAL B 229 19.76 0.30 12.74
N TYR B 230 19.52 -0.76 11.95
CA TYR B 230 20.14 -0.89 10.63
C TYR B 230 19.11 -0.58 9.56
N SER B 231 19.54 0.11 8.51
CA SER B 231 18.68 0.36 7.36
C SER B 231 19.44 0.04 6.07
N ILE B 232 18.68 -0.21 5.03
CA ILE B 232 19.19 -0.39 3.68
C ILE B 232 18.23 0.35 2.77
N GLY B 233 18.78 1.06 1.76
CA GLY B 233 18.00 2.05 1.06
C GLY B 233 18.23 2.03 -0.44
N GLU B 234 17.37 2.77 -1.14
CA GLU B 234 17.44 2.86 -2.59
C GLU B 234 18.77 3.41 -3.09
N ASP B 235 19.48 4.19 -2.27
CA ASP B 235 20.76 4.78 -2.64
C ASP B 235 21.93 3.81 -2.52
N GLY B 236 21.64 2.51 -2.38
CA GLY B 236 22.66 1.50 -2.31
C GLY B 236 23.35 1.37 -0.97
N LYS B 237 22.91 2.09 0.05
CA LYS B 237 23.63 2.14 1.30
C LYS B 237 23.00 1.26 2.37
N PHE B 238 23.88 0.69 3.18
CA PHE B 238 23.56 0.05 4.45
C PHE B 238 24.10 0.96 5.55
N ILE B 239 23.24 1.36 6.48
CA ILE B 239 23.65 2.35 7.47
C ILE B 239 23.18 1.92 8.84
N GLN B 240 24.05 2.12 9.84
CA GLN B 240 23.74 1.87 11.24
C GLN B 240 23.61 3.19 11.97
N TRP B 241 22.46 3.38 12.63
CA TRP B 241 22.06 4.62 13.28
C TRP B 241 21.92 4.42 14.78
N ASN B 242 22.30 5.44 15.55
CA ASN B 242 22.26 5.37 17.01
C ASN B 242 20.92 5.92 17.51
N ILE B 243 20.07 5.04 18.05
CA ILE B 243 18.75 5.47 18.48
C ILE B 243 18.76 6.00 19.89
N HIS B 244 19.90 5.98 20.56
CA HIS B 244 20.02 6.74 21.80
C HIS B 244 20.44 8.18 21.58
N LYS B 245 20.79 8.55 20.35
CA LYS B 245 21.23 9.89 20.00
C LYS B 245 20.47 10.40 18.77
N SER B 246 19.15 10.21 18.77
CA SER B 246 18.25 10.82 17.79
C SER B 246 18.55 10.42 16.34
N GLY B 247 18.92 9.15 16.14
CA GLY B 247 19.22 8.68 14.80
C GLY B 247 20.54 9.16 14.25
N LEU B 248 21.50 9.46 15.14
CA LEU B 248 22.85 9.85 14.73
C LEU B 248 23.53 8.73 13.96
N LYS B 249 24.17 9.08 12.84
CA LYS B 249 24.82 8.06 12.03
C LYS B 249 26.05 7.51 12.74
N VAL B 250 26.23 6.18 12.69
CA VAL B 250 27.35 5.54 13.36
C VAL B 250 28.24 4.79 12.37
N SER B 251 27.64 4.12 11.38
CA SER B 251 28.47 3.58 10.30
C SER B 251 27.66 3.49 9.03
N GLU B 252 28.37 3.43 7.91
CA GLU B 252 27.74 3.55 6.59
C GLU B 252 28.60 2.84 5.55
N TYR B 253 27.96 2.04 4.70
CA TYR B 253 28.67 1.28 3.68
C TYR B 253 27.84 1.19 2.39
N SER B 254 28.51 1.37 1.26
CA SER B 254 27.87 1.21 -0.05
C SER B 254 27.93 -0.26 -0.44
N LEU B 255 26.76 -0.92 -0.48
CA LEU B 255 26.72 -2.32 -0.88
C LEU B 255 26.81 -2.43 -2.40
N PRO B 256 27.17 -3.60 -2.91
CA PRO B 256 27.11 -3.81 -4.38
C PRO B 256 25.71 -3.51 -4.89
N SER B 257 25.64 -3.08 -6.14
CA SER B 257 24.39 -2.57 -6.67
C SER B 257 23.30 -3.66 -6.73
N ASP B 258 23.68 -4.93 -6.90
CA ASP B 258 22.69 -6.00 -6.94
C ASP B 258 22.16 -6.37 -5.55
N ALA B 259 22.64 -5.72 -4.51
CA ALA B 259 22.07 -5.92 -3.19
C ALA B 259 20.74 -5.22 -3.05
N THR B 260 20.51 -4.15 -3.82
CA THR B 260 19.30 -3.33 -3.71
C THR B 260 18.53 -3.22 -5.01
N GLY B 261 18.98 -3.89 -6.04
CA GLY B 261 18.29 -3.84 -7.31
C GLY B 261 18.32 -2.47 -7.93
N PRO B 262 17.32 -2.17 -8.80
CA PRO B 262 16.23 -3.11 -9.12
C PRO B 262 16.64 -4.38 -9.86
N PHE B 263 15.86 -5.46 -9.66
CA PHE B 263 16.24 -6.79 -10.12
C PHE B 263 15.54 -7.14 -11.44
N VAL B 264 16.34 -7.52 -12.43
CA VAL B 264 15.88 -7.67 -13.80
C VAL B 264 16.23 -9.07 -14.28
N LEU B 265 15.25 -9.75 -14.85
CA LEU B 265 15.41 -11.08 -15.42
C LEU B 265 14.91 -11.06 -16.85
N SER B 266 15.82 -11.34 -17.79
CA SER B 266 15.53 -11.27 -19.22
C SER B 266 15.63 -12.64 -19.85
N GLY B 267 14.77 -12.87 -20.84
CA GLY B 267 14.87 -14.02 -21.71
C GLY B 267 15.26 -13.62 -23.13
N TYR B 268 15.18 -14.59 -24.02
CA TYR B 268 15.46 -14.41 -25.43
C TYR B 268 14.23 -13.96 -26.20
N SER B 269 13.09 -13.91 -25.53
CA SER B 269 11.79 -13.58 -26.10
C SER B 269 11.58 -12.08 -26.28
N GLY B 270 12.51 -11.24 -25.81
CA GLY B 270 12.18 -9.84 -25.64
C GLY B 270 11.13 -9.62 -24.57
N TYR B 271 11.13 -10.43 -23.53
CA TYR B 271 10.23 -10.32 -22.39
C TYR B 271 11.10 -10.18 -21.14
N LYS B 272 10.80 -9.17 -20.30
CA LYS B 272 11.62 -8.84 -19.14
C LYS B 272 10.76 -8.73 -17.90
N GLN B 273 11.29 -9.20 -16.77
CA GLN B 273 10.70 -9.03 -15.47
C GLN B 273 11.56 -8.06 -14.67
N VAL B 274 10.92 -7.05 -14.08
CA VAL B 274 11.56 -6.05 -13.23
C VAL B 274 10.89 -6.08 -11.88
N GLN B 275 11.71 -6.05 -10.82
CA GLN B 275 11.30 -6.24 -9.44
C GLN B 275 11.97 -5.16 -8.60
N VAL B 276 11.19 -4.25 -8.02
CA VAL B 276 11.81 -3.33 -7.06
C VAL B 276 11.74 -4.03 -5.71
N PRO B 277 12.66 -3.75 -4.79
CA PRO B 277 12.63 -4.42 -3.48
C PRO B 277 11.29 -4.22 -2.81
N ARG B 278 10.73 -5.31 -2.34
CA ARG B 278 9.53 -5.30 -1.52
C ARG B 278 9.63 -6.22 -0.32
N GLY B 279 10.40 -7.31 -0.38
CA GLY B 279 10.63 -8.15 0.76
C GLY B 279 11.90 -7.78 1.49
N ARG B 280 12.14 -8.49 2.58
CA ARG B 280 13.34 -8.33 3.40
C ARG B 280 14.60 -8.38 2.56
N LEU B 281 15.40 -7.29 2.57
CA LEU B 281 16.66 -7.27 1.81
C LEU B 281 17.89 -7.63 2.64
N PHE B 282 17.73 -8.00 3.91
CA PHE B 282 18.94 -8.26 4.70
C PHE B 282 18.45 -8.97 5.95
N ALA B 283 19.26 -9.90 6.45
CA ALA B 283 18.89 -10.68 7.62
C ALA B 283 20.14 -10.96 8.43
N PHE B 284 19.96 -11.47 9.65
CA PHE B 284 21.03 -11.49 10.65
C PHE B 284 21.07 -12.83 11.36
N ASP B 285 22.26 -13.22 11.80
CA ASP B 285 22.42 -14.38 12.66
C ASP B 285 21.80 -14.09 14.03
N SER B 286 21.93 -15.06 14.92
CA SER B 286 21.31 -14.95 16.24
C SER B 286 21.80 -13.74 17.03
N GLU B 287 23.07 -13.34 16.86
CA GLU B 287 23.68 -12.33 17.72
C GLU B 287 24.02 -11.04 16.97
N GLY B 288 23.44 -10.83 15.79
CA GLY B 288 23.74 -9.61 15.06
C GLY B 288 25.17 -9.45 14.60
N ASN B 289 25.93 -10.55 14.54
CA ASN B 289 27.35 -10.52 14.13
C ASN B 289 27.57 -10.57 12.62
N TYR B 290 26.61 -11.13 11.86
CA TYR B 290 26.75 -11.30 10.42
C TYR B 290 25.44 -10.93 9.74
N MET B 291 25.54 -10.53 8.48
CA MET B 291 24.40 -10.02 7.74
C MET B 291 24.32 -10.65 6.36
N LEU B 292 23.16 -11.23 6.06
CA LEU B 292 22.87 -11.85 4.78
C LEU B 292 22.23 -10.83 3.87
N THR B 293 22.78 -10.70 2.65
CA THR B 293 22.27 -9.77 1.64
C THR B 293 22.06 -10.50 0.32
N CYS B 294 21.43 -9.79 -0.61
CA CYS B 294 21.14 -10.25 -1.96
C CYS B 294 22.29 -10.01 -2.90
N SER B 295 22.34 -10.81 -3.98
CA SER B 295 23.18 -10.55 -5.15
C SER B 295 22.64 -11.35 -6.33
N ALA B 296 23.20 -11.07 -7.51
CA ALA B 296 22.71 -11.70 -8.73
C ALA B 296 22.82 -13.22 -8.68
N THR B 297 23.80 -13.78 -7.98
CA THR B 297 24.09 -15.21 -8.06
C THR B 297 23.79 -16.00 -6.80
N GLY B 298 23.48 -15.33 -5.70
CA GLY B 298 23.19 -16.00 -4.45
C GLY B 298 23.36 -15.02 -3.32
N GLY B 299 23.14 -15.51 -2.11
CA GLY B 299 23.30 -14.67 -0.94
C GLY B 299 24.75 -14.32 -0.65
N VAL B 300 24.94 -13.19 0.03
CA VAL B 300 26.28 -12.72 0.41
C VAL B 300 26.25 -12.33 1.87
N ILE B 301 27.07 -12.97 2.68
CA ILE B 301 27.11 -12.74 4.12
C ILE B 301 28.32 -11.87 4.44
N TYR B 302 28.06 -10.73 5.09
CA TYR B 302 29.09 -9.80 5.53
C TYR B 302 29.27 -9.93 7.03
N LYS B 303 30.51 -9.79 7.49
CA LYS B 303 30.77 -9.68 8.92
C LYS B 303 30.48 -8.26 9.37
N LEU B 304 29.88 -8.14 10.55
CA LEU B 304 29.49 -6.84 11.08
C LEU B 304 30.47 -6.40 12.16
N GLY B 305 30.84 -5.11 12.11
CA GLY B 305 31.48 -4.44 13.22
C GLY B 305 30.59 -3.32 13.72
N GLY B 306 31.09 -2.65 14.76
CA GLY B 306 30.42 -1.46 15.24
C GLY B 306 30.98 -0.26 14.51
N ASP B 307 31.72 0.59 15.23
CA ASP B 307 32.55 1.62 14.62
C ASP B 307 34.03 1.36 14.85
N GLU B 308 34.40 0.11 15.14
CA GLU B 308 35.80 -0.28 15.29
C GLU B 308 36.39 -0.81 13.98
N LYS B 309 35.69 -1.72 13.31
CA LYS B 309 36.22 -2.38 12.13
C LYS B 309 35.21 -2.31 10.99
N VAL B 310 35.75 -2.23 9.77
CA VAL B 310 34.93 -2.09 8.56
C VAL B 310 34.08 -3.35 8.36
N LEU B 311 32.83 -3.15 7.93
CA LEU B 311 32.04 -4.28 7.43
C LEU B 311 32.77 -4.98 6.28
N GLU B 312 33.13 -6.24 6.50
CA GLU B 312 33.91 -7.03 5.55
C GLU B 312 33.10 -8.17 4.94
N SER B 313 33.21 -8.30 3.62
CA SER B 313 32.66 -9.45 2.92
C SER B 313 33.22 -10.73 3.50
N CYS B 314 32.35 -11.70 3.72
CA CYS B 314 32.68 -12.92 4.46
C CYS B 314 32.41 -14.21 3.69
N LEU B 315 31.29 -14.32 2.98
CA LEU B 315 30.95 -15.60 2.34
C LEU B 315 29.90 -15.40 1.24
N SER B 316 30.01 -16.20 0.17
CA SER B 316 28.95 -16.31 -0.83
C SER B 316 28.33 -17.69 -0.76
N LEU B 317 27.00 -17.74 -0.83
CA LEU B 317 26.33 -19.03 -0.85
C LEU B 317 26.05 -19.49 -2.26
N GLY B 318 26.00 -18.57 -3.21
CA GLY B 318 25.73 -18.90 -4.60
C GLY B 318 24.51 -19.78 -4.80
N GLY B 319 24.42 -20.42 -5.96
CA GLY B 319 23.41 -21.42 -6.23
C GLY B 319 22.22 -20.91 -7.01
N HIS B 320 22.21 -19.65 -7.41
CA HIS B 320 21.07 -19.06 -8.08
C HIS B 320 21.42 -18.70 -9.50
N ARG B 321 20.53 -18.99 -10.44
CA ARG B 321 20.73 -18.57 -11.81
C ARG B 321 19.88 -17.37 -12.19
N ALA B 322 19.09 -16.83 -11.26
CA ALA B 322 18.31 -15.60 -11.37
C ALA B 322 18.71 -14.67 -10.23
N PRO B 323 18.55 -13.36 -10.38
CA PRO B 323 18.91 -12.44 -9.28
C PRO B 323 18.17 -12.80 -7.99
N VAL B 324 18.88 -12.76 -6.87
CA VAL B 324 18.25 -12.93 -5.56
C VAL B 324 17.56 -11.61 -5.17
N VAL B 325 16.29 -11.69 -4.78
CA VAL B 325 15.52 -10.50 -4.43
C VAL B 325 15.06 -10.50 -2.99
N THR B 326 15.12 -11.62 -2.27
CA THR B 326 14.76 -11.53 -0.86
C THR B 326 15.47 -12.62 -0.07
N VAL B 327 15.66 -12.37 1.23
CA VAL B 327 16.46 -13.24 2.08
C VAL B 327 15.82 -13.41 3.44
N ASP B 328 16.27 -14.43 4.15
CA ASP B 328 15.93 -14.56 5.55
C ASP B 328 17.01 -15.41 6.21
N TRP B 329 17.04 -15.36 7.54
CA TRP B 329 18.08 -16.08 8.30
C TRP B 329 17.48 -16.49 9.64
N SER B 330 17.29 -17.79 9.85
CA SER B 330 16.80 -18.31 11.12
C SER B 330 17.91 -19.03 11.86
N THR B 331 18.03 -18.77 13.15
CA THR B 331 19.11 -19.35 13.96
C THR B 331 18.52 -20.11 15.15
N ALA B 332 18.21 -21.39 14.93
CA ALA B 332 17.92 -22.31 16.02
C ALA B 332 19.13 -23.23 16.19
N MET B 333 19.51 -23.48 17.45
CA MET B 333 20.69 -24.25 17.86
C MET B 333 22.00 -23.49 17.66
N ASP B 334 21.96 -22.17 17.42
CA ASP B 334 23.04 -21.48 16.71
C ASP B 334 23.44 -22.28 15.46
N CYS B 335 22.43 -22.88 14.83
CA CYS B 335 22.54 -23.63 13.60
C CYS B 335 21.79 -22.82 12.55
N GLY B 336 22.52 -22.02 11.78
CA GLY B 336 21.86 -21.07 10.90
C GLY B 336 21.22 -21.72 9.70
N THR B 337 20.10 -21.18 9.29
CA THR B 337 19.43 -21.51 8.04
C THR B 337 19.30 -20.19 7.31
N CYS B 338 19.95 -20.07 6.16
CA CYS B 338 19.81 -18.89 5.32
C CYS B 338 18.87 -19.22 4.16
N LEU B 339 17.93 -18.33 3.89
CA LEU B 339 16.99 -18.48 2.79
C LEU B 339 17.30 -17.40 1.76
N THR B 340 17.47 -17.81 0.51
CA THR B 340 17.66 -16.88 -0.57
C THR B 340 16.64 -17.17 -1.67
N ALA B 341 15.96 -16.15 -2.15
CA ALA B 341 14.89 -16.30 -3.11
C ALA B 341 15.10 -15.36 -4.28
N SER B 342 14.91 -15.94 -5.49
CA SER B 342 15.27 -15.34 -6.76
C SER B 342 14.07 -15.29 -7.70
N MET B 343 14.28 -14.61 -8.82
CA MET B 343 13.24 -14.20 -9.74
C MET B 343 12.70 -15.33 -10.59
N ASP B 344 13.37 -16.48 -10.59
CA ASP B 344 12.90 -17.67 -11.26
C ASP B 344 12.03 -18.53 -10.35
N GLY B 345 11.75 -18.04 -9.15
CA GLY B 345 10.92 -18.76 -8.23
C GLY B 345 11.65 -19.76 -7.39
N LYS B 346 12.94 -19.99 -7.63
CA LYS B 346 13.69 -20.95 -6.82
C LYS B 346 14.12 -20.34 -5.49
N ILE B 347 13.99 -21.11 -4.42
CA ILE B 347 14.39 -20.69 -3.07
C ILE B 347 15.43 -21.67 -2.55
N LYS B 348 16.63 -21.18 -2.30
CA LYS B 348 17.72 -21.97 -1.75
C LYS B 348 17.77 -21.82 -0.25
N LEU B 349 18.23 -22.89 0.41
CA LEU B 349 18.17 -23.01 1.86
C LEU B 349 19.50 -23.60 2.29
N THR B 350 20.35 -22.76 2.86
CA THR B 350 21.74 -23.07 3.16
C THR B 350 21.87 -23.19 4.66
N THR B 351 22.38 -24.31 5.13
CA THR B 351 22.51 -24.53 6.56
C THR B 351 23.97 -24.26 6.94
N LEU B 352 24.17 -23.56 8.05
CA LEU B 352 25.48 -23.13 8.49
C LEU B 352 25.66 -23.51 9.95
N LEU B 353 26.91 -23.76 10.33
CA LEU B 353 27.24 -24.03 11.72
C LEU B 353 28.41 -23.15 12.14
N ALA B 354 28.26 -22.50 13.29
CA ALA B 354 29.29 -21.59 13.77
C ALA B 354 30.49 -22.35 14.32
N LYS C 10 -16.08 40.03 -9.20
CA LYS C 10 -16.72 38.79 -9.65
C LYS C 10 -16.82 37.76 -8.54
N LYS C 11 -17.89 36.96 -8.57
CA LYS C 11 -18.13 35.93 -7.56
C LYS C 11 -17.00 34.91 -7.54
N VAL C 12 -16.66 34.43 -6.35
CA VAL C 12 -15.69 33.36 -6.15
C VAL C 12 -16.23 32.40 -5.11
N LEU C 13 -16.29 31.12 -5.43
CA LEU C 13 -16.78 30.13 -4.49
C LEU C 13 -15.59 29.53 -3.75
N LEU C 14 -15.76 29.31 -2.45
CA LEU C 14 -14.85 28.54 -1.61
C LEU C 14 -15.68 27.53 -0.83
N LYS C 15 -15.25 26.28 -0.81
CA LYS C 15 -15.90 25.27 0.03
C LYS C 15 -15.01 25.02 1.25
N VAL C 16 -15.59 25.12 2.43
CA VAL C 16 -14.84 25.04 3.68
C VAL C 16 -15.29 23.81 4.46
N ILE C 17 -14.36 22.95 4.80
CA ILE C 17 -14.70 21.75 5.54
C ILE C 17 -14.32 21.96 6.99
N ILE C 18 -15.24 21.61 7.89
CA ILE C 18 -15.00 21.67 9.31
C ILE C 18 -14.89 20.24 9.79
N LEU C 19 -13.75 19.93 10.43
CA LEU C 19 -13.35 18.59 10.86
C LEU C 19 -13.00 18.60 12.34
N GLY C 20 -13.22 17.47 12.99
CA GLY C 20 -12.83 17.30 14.37
C GLY C 20 -13.72 16.29 15.08
N ASP C 21 -13.27 15.90 16.27
CA ASP C 21 -14.04 14.97 17.09
C ASP C 21 -15.45 15.48 17.35
N SER C 22 -16.35 14.54 17.63
CA SER C 22 -17.71 14.86 18.02
C SER C 22 -17.71 15.66 19.33
N GLY C 23 -18.56 16.69 19.39
CA GLY C 23 -18.72 17.51 20.58
C GLY C 23 -17.73 18.66 20.74
N VAL C 24 -16.74 18.78 19.86
CA VAL C 24 -15.78 19.88 19.95
C VAL C 24 -16.42 21.22 19.60
N GLY C 25 -17.60 21.23 18.97
CA GLY C 25 -18.30 22.48 18.70
C GLY C 25 -18.30 22.95 17.25
N LYS C 26 -18.20 21.99 16.31
CA LYS C 26 -18.12 22.33 14.89
C LYS C 26 -19.42 22.96 14.38
N THR C 27 -20.55 22.33 14.68
CA THR C 27 -21.83 22.92 14.32
C THR C 27 -21.99 24.28 14.99
N SER C 28 -21.65 24.36 16.28
CA SER C 28 -21.82 25.60 17.01
C SER C 28 -20.99 26.71 16.37
N LEU C 29 -19.74 26.42 16.04
CA LEU C 29 -18.89 27.41 15.39
C LEU C 29 -19.49 27.84 14.04
N MET C 30 -20.01 26.90 13.24
CA MET C 30 -20.54 27.27 11.93
C MET C 30 -21.77 28.17 12.07
N ASN C 31 -22.71 27.78 12.94
CA ASN C 31 -23.90 28.56 13.20
C ASN C 31 -23.57 29.93 13.79
N GLN C 32 -22.51 30.02 14.59
CA GLN C 32 -22.13 31.31 15.14
C GLN C 32 -21.56 32.20 14.04
N TYR C 33 -20.83 31.61 13.08
CA TYR C 33 -20.28 32.40 12.00
C TYR C 33 -21.38 32.91 11.06
N VAL C 34 -22.32 32.05 10.68
CA VAL C 34 -23.28 32.37 9.63
C VAL C 34 -24.56 32.93 10.22
N ASN C 35 -25.18 32.18 11.12
CA ASN C 35 -26.42 32.63 11.75
C ASN C 35 -26.18 33.55 12.94
N LYS C 36 -24.96 33.59 13.45
CA LYS C 36 -24.56 34.39 14.62
C LYS C 36 -25.21 33.95 15.92
N LYS C 37 -25.72 32.73 16.03
CA LYS C 37 -26.39 32.32 17.26
C LYS C 37 -25.87 30.97 17.72
N PHE C 38 -26.25 30.61 18.94
CA PHE C 38 -25.71 29.44 19.62
C PHE C 38 -26.82 28.78 20.40
N SER C 39 -26.69 27.47 20.59
CA SER C 39 -27.68 26.71 21.35
C SER C 39 -26.96 25.75 22.28
N ASN C 40 -27.18 25.89 23.59
CA ASN C 40 -26.55 25.01 24.57
C ASN C 40 -26.99 23.56 24.40
N GLN C 41 -28.12 23.32 23.74
CA GLN C 41 -28.58 21.96 23.48
C GLN C 41 -27.74 21.33 22.37
N TYR C 42 -27.39 20.07 22.54
CA TYR C 42 -26.49 19.37 21.63
C TYR C 42 -27.26 18.28 20.88
N LYS C 43 -27.11 18.26 19.56
CA LYS C 43 -27.72 17.22 18.73
C LYS C 43 -26.77 16.85 17.60
N ALA C 44 -26.34 15.59 17.59
CA ALA C 44 -25.21 15.15 16.77
C ALA C 44 -25.51 15.32 15.29
N THR C 45 -24.48 15.70 14.53
CA THR C 45 -24.63 15.91 13.10
C THR C 45 -24.58 14.55 12.42
N ILE C 46 -25.44 14.34 11.42
CA ILE C 46 -25.61 12.97 10.92
C ILE C 46 -24.71 12.69 9.73
N GLY C 47 -24.73 13.49 8.67
CA GLY C 47 -23.87 13.12 7.55
C GLY C 47 -22.82 14.18 7.25
N ALA C 48 -23.05 14.93 6.19
CA ALA C 48 -22.38 16.18 5.95
C ALA C 48 -23.41 17.12 5.34
N ASP C 49 -23.45 18.36 5.82
CA ASP C 49 -24.38 19.34 5.27
C ASP C 49 -23.83 20.75 5.45
N PHE C 50 -24.40 21.72 4.72
CA PHE C 50 -23.71 23.00 4.59
C PHE C 50 -24.64 24.18 4.83
N LEU C 51 -24.02 25.31 5.19
CA LEU C 51 -24.64 26.62 5.14
C LEU C 51 -23.72 27.52 4.32
N THR C 52 -24.30 28.55 3.71
CA THR C 52 -23.57 29.41 2.80
C THR C 52 -23.69 30.86 3.25
N LYS C 53 -22.59 31.59 3.19
CA LYS C 53 -22.67 33.02 3.47
C LYS C 53 -21.68 33.78 2.61
N GLU C 54 -22.01 35.04 2.36
CA GLU C 54 -21.15 35.92 1.58
C GLU C 54 -20.21 36.68 2.49
N VAL C 55 -18.93 36.65 2.19
CA VAL C 55 -17.93 37.40 2.95
C VAL C 55 -17.14 38.21 1.92
N MET C 56 -16.15 38.98 2.38
CA MET C 56 -15.37 39.68 1.36
C MET C 56 -13.95 39.96 1.82
N VAL C 57 -13.05 39.96 0.84
CA VAL C 57 -11.61 39.80 0.98
C VAL C 57 -10.90 40.71 -0.02
N ASP C 58 -10.12 41.69 0.47
CA ASP C 58 -9.55 42.74 -0.37
C ASP C 58 -10.47 43.16 -1.50
N ASP C 59 -11.68 43.55 -1.10
CA ASP C 59 -12.74 44.05 -2.00
C ASP C 59 -12.97 43.10 -3.18
N ARG C 60 -13.29 41.84 -2.84
CA ARG C 60 -13.78 40.83 -3.79
C ARG C 60 -14.73 39.89 -3.04
N LEU C 61 -15.96 39.75 -3.54
CA LEU C 61 -17.01 39.01 -2.83
C LEU C 61 -16.81 37.50 -2.96
N VAL C 62 -16.76 36.80 -1.82
CA VAL C 62 -16.55 35.36 -1.76
C VAL C 62 -17.81 34.69 -1.22
N THR C 63 -18.39 33.79 -2.02
CA THR C 63 -19.44 32.89 -1.56
C THR C 63 -18.79 31.72 -0.82
N MET C 64 -18.97 31.64 0.48
CA MET C 64 -18.29 30.66 1.31
C MET C 64 -19.30 29.59 1.71
N GLN C 65 -19.08 28.40 1.20
CA GLN C 65 -19.90 27.22 1.46
C GLN C 65 -19.24 26.47 2.60
N ILE C 66 -19.85 26.52 3.79
CA ILE C 66 -19.26 25.93 4.98
C ILE C 66 -19.94 24.60 5.26
N TRP C 67 -19.15 23.55 5.40
CA TRP C 67 -19.64 22.20 5.52
C TRP C 67 -19.41 21.67 6.92
N ASP C 68 -20.43 21.03 7.47
CA ASP C 68 -20.41 20.40 8.78
C ASP C 68 -20.38 18.90 8.57
N THR C 69 -19.46 18.25 9.26
CA THR C 69 -19.24 16.81 9.18
C THR C 69 -19.53 16.15 10.51
N ALA C 70 -20.14 14.97 10.45
CA ALA C 70 -20.37 14.18 11.65
C ALA C 70 -19.01 13.75 12.20
N GLY C 71 -18.67 14.22 13.40
CA GLY C 71 -17.42 13.81 14.00
C GLY C 71 -17.37 12.32 14.26
N LEU C 72 -18.52 11.73 14.61
CA LEU C 72 -18.58 10.30 14.93
C LEU C 72 -18.23 9.47 13.69
N GLU C 73 -18.84 9.83 12.55
CA GLU C 73 -18.27 9.42 11.26
C GLU C 73 -16.87 9.95 11.18
N ARG C 74 -15.97 9.14 10.66
CA ARG C 74 -14.60 9.49 10.92
C ARG C 74 -13.97 10.01 9.62
N PHE C 75 -14.78 10.83 8.91
CA PHE C 75 -14.48 11.48 7.62
C PHE C 75 -14.47 10.48 6.45
N GLN C 76 -15.23 9.39 6.57
CA GLN C 76 -14.94 8.22 5.72
C GLN C 76 -15.68 8.15 4.37
N SER C 77 -16.98 7.97 4.40
CA SER C 77 -17.57 7.61 3.12
C SER C 77 -18.38 8.77 2.56
N LEU C 78 -17.70 9.86 2.26
CA LEU C 78 -18.29 11.00 1.59
C LEU C 78 -17.83 10.95 0.13
N GLY C 79 -18.28 11.92 -0.67
CA GLY C 79 -17.93 11.90 -2.07
C GLY C 79 -16.52 12.40 -2.33
N VAL C 80 -15.96 11.93 -3.45
CA VAL C 80 -14.89 12.68 -4.09
C VAL C 80 -15.38 14.11 -4.37
N ALA C 81 -16.63 14.21 -4.85
CA ALA C 81 -17.26 15.49 -5.11
C ALA C 81 -17.22 16.38 -3.89
N PHE C 82 -17.33 15.80 -2.69
CA PHE C 82 -17.18 16.56 -1.45
C PHE C 82 -15.70 16.76 -1.09
N TYR C 83 -14.87 15.71 -1.20
CA TYR C 83 -13.49 15.79 -0.75
C TYR C 83 -12.66 16.72 -1.63
N ARG C 84 -12.77 16.57 -2.96
CA ARG C 84 -11.95 17.34 -3.90
C ARG C 84 -12.55 18.70 -4.21
N GLY C 85 -13.81 18.94 -3.83
CA GLY C 85 -14.37 20.25 -3.95
C GLY C 85 -13.84 21.26 -2.96
N ALA C 86 -13.18 20.79 -1.90
CA ALA C 86 -12.80 21.62 -0.77
C ALA C 86 -11.60 22.52 -1.07
N ASP C 87 -11.66 23.76 -0.56
CA ASP C 87 -10.58 24.73 -0.67
C ASP C 87 -9.97 25.15 0.67
N CYS C 88 -10.65 24.91 1.78
CA CYS C 88 -10.16 25.26 3.10
C CYS C 88 -10.50 24.11 4.03
N CYS C 89 -9.65 23.89 5.02
CA CYS C 89 -9.92 22.91 6.05
C CYS C 89 -9.87 23.57 7.41
N VAL C 90 -10.92 23.35 8.20
CA VAL C 90 -10.99 23.84 9.57
C VAL C 90 -10.88 22.64 10.49
N LEU C 91 -9.79 22.59 11.27
CA LEU C 91 -9.55 21.57 12.28
C LEU C 91 -9.95 22.13 13.64
N VAL C 92 -10.85 21.44 14.33
CA VAL C 92 -11.38 21.89 15.61
C VAL C 92 -11.10 20.85 16.68
N PHE C 93 -10.56 21.31 17.81
CA PHE C 93 -10.50 20.52 19.03
C PHE C 93 -11.10 21.35 20.17
N ASP C 94 -11.32 20.66 21.28
CA ASP C 94 -11.94 21.21 22.49
C ASP C 94 -10.84 21.35 23.54
N VAL C 95 -10.50 22.60 23.91
CA VAL C 95 -9.40 22.82 24.84
C VAL C 95 -9.65 22.19 26.21
N THR C 96 -10.91 21.93 26.57
CA THR C 96 -11.23 21.24 27.82
C THR C 96 -11.26 19.72 27.66
N ALA C 97 -10.57 19.17 26.65
CA ALA C 97 -10.64 17.75 26.35
C ALA C 97 -9.41 17.28 25.57
N PRO C 98 -8.36 16.82 26.25
CA PRO C 98 -7.10 16.52 25.55
C PRO C 98 -7.21 15.44 24.48
N ASN C 99 -8.12 14.47 24.58
CA ASN C 99 -8.17 13.53 23.47
C ASN C 99 -8.56 14.21 22.17
N THR C 100 -9.46 15.19 22.23
CA THR C 100 -9.82 15.88 20.99
C THR C 100 -8.62 16.58 20.37
N PHE C 101 -7.59 16.88 21.16
CA PHE C 101 -6.37 17.45 20.59
C PHE C 101 -5.45 16.39 20.00
N LYS C 102 -5.35 15.22 20.65
CA LYS C 102 -4.41 14.25 20.12
C LYS C 102 -4.87 13.66 18.78
N THR C 103 -6.16 13.79 18.43
CA THR C 103 -6.67 13.33 17.15
C THR C 103 -6.43 14.30 16.00
N LEU C 104 -5.84 15.48 16.24
CA LEU C 104 -5.67 16.45 15.15
C LEU C 104 -4.83 15.87 14.02
N ASP C 105 -3.71 15.23 14.33
CA ASP C 105 -2.89 14.59 13.30
C ASP C 105 -3.70 13.63 12.45
N SER C 106 -4.63 12.90 13.08
CA SER C 106 -5.51 12.00 12.34
C SER C 106 -6.45 12.76 11.40
N TRP C 107 -7.08 13.84 11.90
CA TRP C 107 -8.01 14.58 11.04
C TRP C 107 -7.28 15.26 9.89
N ARG C 108 -6.10 15.83 10.15
CA ARG C 108 -5.38 16.49 9.08
C ARG C 108 -4.86 15.46 8.07
N ASP C 109 -4.34 14.32 8.56
CA ASP C 109 -3.91 13.28 7.64
C ASP C 109 -5.09 12.78 6.81
N GLU C 110 -6.24 12.62 7.44
CA GLU C 110 -7.39 12.10 6.71
C GLU C 110 -7.89 13.10 5.67
N PHE C 111 -7.86 14.39 5.99
CA PHE C 111 -8.14 15.40 4.99
C PHE C 111 -7.16 15.30 3.81
N LEU C 112 -5.85 15.30 4.09
CA LEU C 112 -4.86 15.30 3.01
C LEU C 112 -4.94 14.03 2.16
N ILE C 113 -5.37 12.92 2.74
CA ILE C 113 -5.55 11.71 1.96
C ILE C 113 -6.80 11.80 1.10
N GLN C 114 -7.94 12.19 1.67
CA GLN C 114 -9.16 12.22 0.88
C GLN C 114 -9.19 13.42 -0.07
N ALA C 115 -8.79 14.61 0.41
CA ALA C 115 -8.82 15.80 -0.44
C ALA C 115 -7.62 15.85 -1.38
N SER C 116 -6.48 15.32 -0.97
CA SER C 116 -5.35 15.14 -1.87
C SER C 116 -4.86 16.43 -2.54
N PRO C 117 -4.65 17.56 -1.84
CA PRO C 117 -4.12 18.75 -2.51
C PRO C 117 -2.74 18.52 -3.10
N ARG C 118 -2.48 19.18 -4.24
CA ARG C 118 -1.16 19.09 -4.89
C ARG C 118 -0.07 19.74 -4.02
N ASP C 119 -0.43 20.76 -3.25
CA ASP C 119 0.52 21.56 -2.50
C ASP C 119 0.09 21.57 -1.03
N PRO C 120 0.17 20.41 -0.36
CA PRO C 120 -0.36 20.34 1.02
C PRO C 120 0.28 21.35 1.94
N GLU C 121 1.59 21.56 1.78
CA GLU C 121 2.34 22.46 2.66
C GLU C 121 1.63 23.80 2.82
N ASN C 122 1.16 24.37 1.72
CA ASN C 122 0.52 25.68 1.71
C ASN C 122 -1.00 25.60 1.60
N PHE C 123 -1.59 24.43 1.80
CA PHE C 123 -3.04 24.33 1.74
C PHE C 123 -3.65 25.12 2.89
N PRO C 124 -4.78 25.84 2.66
CA PRO C 124 -5.32 26.68 3.74
C PRO C 124 -5.89 25.85 4.87
N PHE C 125 -5.15 25.72 5.96
CA PHE C 125 -5.62 25.12 7.19
C PHE C 125 -5.80 26.21 8.24
N VAL C 126 -6.73 25.99 9.16
CA VAL C 126 -6.79 26.74 10.40
C VAL C 126 -7.12 25.73 11.51
N VAL C 127 -6.48 25.89 12.67
CA VAL C 127 -6.72 25.05 13.85
C VAL C 127 -7.41 25.90 14.89
N LEU C 128 -8.52 25.38 15.44
CA LEU C 128 -9.32 26.09 16.43
C LEU C 128 -9.35 25.29 17.72
N GLY C 129 -8.75 25.86 18.77
CA GLY C 129 -9.03 25.40 20.12
C GLY C 129 -10.30 26.05 20.61
N ASN C 130 -11.40 25.31 20.55
CA ASN C 130 -12.70 25.89 20.84
C ASN C 130 -13.01 25.75 22.33
N LYS C 131 -14.02 26.53 22.77
CA LYS C 131 -14.56 26.49 24.12
C LYS C 131 -13.61 27.12 25.15
N ILE C 132 -12.98 28.24 24.80
CA ILE C 132 -12.17 28.93 25.80
C ILE C 132 -12.99 29.81 26.73
N ASP C 133 -14.29 29.95 26.48
CA ASP C 133 -15.14 30.61 27.46
C ASP C 133 -15.19 29.80 28.75
N LEU C 134 -15.21 28.48 28.64
CA LEU C 134 -15.13 27.64 29.84
C LEU C 134 -13.79 27.77 30.54
N GLU C 135 -13.82 27.73 31.87
CA GLU C 135 -12.58 27.57 32.63
C GLU C 135 -12.13 26.11 32.55
N ASN C 136 -11.08 25.78 33.30
CA ASN C 136 -10.55 24.43 33.33
C ASN C 136 -10.15 23.98 31.92
N ARG C 137 -9.22 24.74 31.35
CA ARG C 137 -8.51 24.29 30.17
C ARG C 137 -7.72 23.03 30.48
N GLN C 138 -7.69 22.09 29.53
CA GLN C 138 -6.90 20.88 29.67
C GLN C 138 -5.73 20.81 28.70
N VAL C 139 -5.72 21.64 27.66
CA VAL C 139 -4.68 21.61 26.64
C VAL C 139 -3.90 22.92 26.72
N ALA C 140 -2.59 22.81 26.93
CA ALA C 140 -1.77 24.01 27.09
C ALA C 140 -1.65 24.74 25.75
N THR C 141 -1.78 26.07 25.81
CA THR C 141 -1.65 26.90 24.62
C THR C 141 -0.35 26.65 23.90
N LYS C 142 0.76 26.57 24.65
CA LYS C 142 2.08 26.40 24.02
C LYS C 142 2.11 25.12 23.20
N ARG C 143 1.47 24.07 23.70
CA ARG C 143 1.52 22.74 23.08
C ARG C 143 0.76 22.73 21.75
N ALA C 144 -0.40 23.38 21.72
CA ALA C 144 -1.14 23.53 20.48
C ALA C 144 -0.40 24.43 19.51
N GLN C 145 0.17 25.54 20.00
CA GLN C 145 1.00 26.40 19.16
C GLN C 145 2.11 25.58 18.50
N ALA C 146 2.79 24.76 19.30
CA ALA C 146 3.91 23.96 18.78
C ALA C 146 3.42 22.96 17.75
N TRP C 147 2.27 22.32 18.00
CA TRP C 147 1.77 21.37 17.02
C TRP C 147 1.45 22.07 15.72
N CYS C 148 0.77 23.22 15.79
CA CYS C 148 0.40 23.94 14.57
C CYS C 148 1.63 24.40 13.82
N TYR C 149 2.66 24.82 14.56
CA TYR C 149 3.91 25.24 13.95
C TYR C 149 4.60 24.08 13.23
N SER C 150 4.58 22.88 13.85
CA SER C 150 5.29 21.74 13.27
C SER C 150 4.75 21.38 11.89
N LYS C 151 3.48 21.64 11.63
CA LYS C 151 2.87 21.33 10.33
C LYS C 151 2.98 22.51 9.36
N ASN C 152 4.20 23.04 9.25
CA ASN C 152 4.52 24.24 8.48
C ASN C 152 3.55 25.39 8.80
N ASN C 153 3.48 25.74 10.10
CA ASN C 153 2.95 27.02 10.57
C ASN C 153 1.47 27.20 10.22
N ILE C 154 0.67 26.21 10.60
CA ILE C 154 -0.79 26.35 10.45
C ILE C 154 -1.28 27.48 11.36
N PRO C 155 -2.14 28.39 10.89
CA PRO C 155 -2.63 29.44 11.80
C PRO C 155 -3.52 28.86 12.88
N TYR C 156 -3.27 29.29 14.13
CA TYR C 156 -3.90 28.74 15.33
C TYR C 156 -4.73 29.81 16.03
N PHE C 157 -5.98 29.49 16.35
CA PHE C 157 -6.89 30.38 17.05
C PHE C 157 -7.54 29.64 18.22
N GLU C 158 -7.67 30.33 19.34
CA GLU C 158 -8.49 29.85 20.44
C GLU C 158 -9.83 30.58 20.38
N THR C 159 -10.91 29.82 20.39
CA THR C 159 -12.19 30.35 19.97
C THR C 159 -13.28 29.97 20.95
N SER C 160 -14.38 30.70 20.87
CA SER C 160 -15.61 30.33 21.55
C SER C 160 -16.77 30.63 20.61
N ALA C 161 -17.47 29.59 20.19
CA ALA C 161 -18.74 29.82 19.51
C ALA C 161 -19.78 30.39 20.46
N LYS C 162 -19.68 30.05 21.75
CA LYS C 162 -20.64 30.54 22.73
C LYS C 162 -20.52 32.06 22.89
N GLU C 163 -19.30 32.56 23.03
CA GLU C 163 -19.08 33.99 23.23
C GLU C 163 -18.59 34.69 21.96
N ALA C 164 -18.63 34.01 20.82
CA ALA C 164 -18.24 34.57 19.52
C ALA C 164 -16.86 35.22 19.60
N ILE C 165 -15.88 34.43 20.04
CA ILE C 165 -14.49 34.88 20.21
C ILE C 165 -13.66 34.16 19.16
N ASN C 166 -13.12 34.94 18.22
CA ASN C 166 -12.16 34.53 17.20
C ASN C 166 -12.74 33.72 16.05
N VAL C 167 -14.07 33.59 15.97
CA VAL C 167 -14.66 32.88 14.84
C VAL C 167 -14.39 33.65 13.52
N GLU C 168 -14.57 34.97 13.56
CA GLU C 168 -14.32 35.78 12.36
C GLU C 168 -12.88 35.65 11.90
N GLN C 169 -11.94 35.62 12.85
CA GLN C 169 -10.54 35.56 12.49
C GLN C 169 -10.21 34.25 11.77
N ALA C 170 -10.73 33.12 12.28
CA ALA C 170 -10.47 31.84 11.65
C ALA C 170 -11.02 31.82 10.22
N PHE C 171 -12.26 32.27 10.05
CA PHE C 171 -12.82 32.18 8.70
C PHE C 171 -12.14 33.15 7.75
N GLN C 172 -11.86 34.37 8.19
CA GLN C 172 -11.13 35.30 7.34
C GLN C 172 -9.76 34.74 6.95
N THR C 173 -9.08 34.07 7.88
CA THR C 173 -7.75 33.59 7.54
C THR C 173 -7.81 32.55 6.45
N ILE C 174 -8.71 31.56 6.57
CA ILE C 174 -8.73 30.55 5.51
C ILE C 174 -9.25 31.16 4.19
N ALA C 175 -10.16 32.13 4.27
CA ALA C 175 -10.62 32.81 3.06
C ALA C 175 -9.48 33.51 2.32
N ARG C 176 -8.74 34.41 3.00
CA ARG C 176 -7.57 35.07 2.40
C ARG C 176 -6.56 34.07 1.86
N ASN C 177 -6.19 33.07 2.65
CA ASN C 177 -5.12 32.21 2.16
C ASN C 177 -5.58 31.30 1.01
N ALA C 178 -6.87 31.00 0.91
CA ALA C 178 -7.33 30.21 -0.22
C ALA C 178 -7.36 31.04 -1.50
N LEU C 179 -7.76 32.32 -1.40
CA LEU C 179 -7.77 33.28 -2.51
C LEU C 179 -6.39 33.61 -3.01
N LYS C 180 -5.36 32.94 -2.51
CA LYS C 180 -4.00 33.10 -3.02
C LYS C 180 -3.63 31.85 -3.79
N LYS D 10 -0.13 27.03 65.83
CA LYS D 10 1.11 26.27 65.91
C LYS D 10 0.92 24.77 65.64
N LYS D 11 0.16 24.08 66.51
CA LYS D 11 -0.13 22.65 66.38
C LYS D 11 -1.63 22.47 66.58
N VAL D 12 -2.29 21.67 65.71
CA VAL D 12 -3.75 21.65 65.73
C VAL D 12 -4.31 20.41 65.06
N LEU D 13 -5.40 19.91 65.62
CA LEU D 13 -6.28 18.93 65.00
C LEU D 13 -7.49 19.56 64.32
N LEU D 14 -7.80 19.06 63.13
CA LEU D 14 -8.91 19.51 62.31
C LEU D 14 -9.79 18.32 61.99
N LYS D 15 -11.11 18.48 62.10
CA LYS D 15 -12.06 17.43 61.72
C LYS D 15 -12.87 17.88 60.50
N VAL D 16 -12.80 17.08 59.44
CA VAL D 16 -13.40 17.36 58.13
C VAL D 16 -14.42 16.26 57.80
N ILE D 17 -15.64 16.69 57.48
CA ILE D 17 -16.76 15.81 57.20
C ILE D 17 -17.03 15.87 55.71
N ILE D 18 -16.89 14.73 55.01
CA ILE D 18 -17.27 14.65 53.59
C ILE D 18 -18.70 14.16 53.49
N LEU D 19 -19.52 14.89 52.74
CA LEU D 19 -20.93 14.58 52.56
C LEU D 19 -21.29 14.58 51.09
N GLY D 20 -22.34 13.83 50.77
CA GLY D 20 -22.91 13.82 49.44
C GLY D 20 -23.53 12.47 49.15
N ASP D 21 -24.26 12.43 48.04
CA ASP D 21 -25.04 11.27 47.64
C ASP D 21 -24.17 10.04 47.51
N SER D 22 -24.80 8.87 47.71
CA SER D 22 -24.12 7.61 47.46
C SER D 22 -23.60 7.56 46.03
N GLY D 23 -22.32 7.21 45.88
CA GLY D 23 -21.70 6.96 44.59
C GLY D 23 -20.88 8.10 44.02
N VAL D 24 -21.05 9.33 44.55
CA VAL D 24 -20.34 10.49 44.02
C VAL D 24 -18.84 10.43 44.21
N GLY D 25 -18.33 9.58 45.11
CA GLY D 25 -16.91 9.35 45.23
C GLY D 25 -16.24 9.86 46.49
N LYS D 26 -16.98 10.00 47.59
CA LYS D 26 -16.42 10.56 48.82
C LYS D 26 -15.34 9.67 49.42
N THR D 27 -15.66 8.39 49.63
CA THR D 27 -14.66 7.43 50.07
C THR D 27 -13.48 7.38 49.10
N SER D 28 -13.72 7.43 47.79
CA SER D 28 -12.63 7.36 46.82
C SER D 28 -11.70 8.56 46.96
N LEU D 29 -12.28 9.75 47.14
CA LEU D 29 -11.47 10.95 47.34
C LEU D 29 -10.66 10.85 48.63
N MET D 30 -11.27 10.34 49.70
CA MET D 30 -10.54 10.22 50.96
C MET D 30 -9.38 9.22 50.83
N ASN D 31 -9.63 8.05 50.25
CA ASN D 31 -8.56 7.06 50.12
C ASN D 31 -7.52 7.47 49.10
N GLN D 32 -7.88 8.31 48.12
CA GLN D 32 -6.86 8.91 47.25
C GLN D 32 -5.97 9.85 48.04
N TYR D 33 -6.56 10.81 48.77
CA TYR D 33 -5.74 11.79 49.50
C TYR D 33 -4.85 11.10 50.52
N VAL D 34 -5.41 10.23 51.35
CA VAL D 34 -4.66 9.68 52.47
C VAL D 34 -3.72 8.56 52.01
N ASN D 35 -4.22 7.63 51.19
CA ASN D 35 -3.46 6.43 50.86
C ASN D 35 -2.85 6.44 49.46
N LYS D 36 -3.19 7.43 48.62
CA LYS D 36 -2.69 7.52 47.24
C LYS D 36 -2.97 6.23 46.45
N LYS D 37 -4.15 5.66 46.66
CA LYS D 37 -4.58 4.52 45.85
C LYS D 37 -6.07 4.63 45.60
N PHE D 38 -6.49 4.05 44.48
CA PHE D 38 -7.86 4.05 44.01
C PHE D 38 -8.25 2.60 43.72
N SER D 39 -9.53 2.32 43.87
CA SER D 39 -10.04 0.99 43.61
C SER D 39 -11.41 1.13 42.97
N ASN D 40 -11.77 0.15 42.15
CA ASN D 40 -13.07 0.18 41.48
C ASN D 40 -14.12 -0.70 42.14
N GLN D 41 -13.72 -1.67 42.95
CA GLN D 41 -14.69 -2.38 43.78
C GLN D 41 -15.29 -1.39 44.77
N TYR D 42 -16.59 -1.20 44.67
CA TYR D 42 -17.31 -0.25 45.48
C TYR D 42 -17.88 -0.96 46.70
N LYS D 43 -17.86 -0.27 47.83
CA LYS D 43 -18.51 -0.76 49.03
C LYS D 43 -19.23 0.44 49.63
N ALA D 44 -20.57 0.37 49.68
CA ALA D 44 -21.35 1.46 50.24
C ALA D 44 -20.89 1.73 51.68
N THR D 45 -20.52 2.98 51.93
CA THR D 45 -19.98 3.37 53.23
C THR D 45 -21.03 3.20 54.33
N ILE D 46 -20.57 2.86 55.52
CA ILE D 46 -21.47 2.61 56.64
C ILE D 46 -21.28 3.72 57.70
N GLY D 47 -22.41 4.26 58.19
CA GLY D 47 -22.40 5.26 59.22
C GLY D 47 -21.42 6.40 58.96
N ALA D 48 -20.38 6.48 59.80
CA ALA D 48 -19.31 7.43 59.62
C ALA D 48 -18.06 6.87 60.27
N ASP D 49 -16.93 7.10 59.60
CA ASP D 49 -15.65 6.63 60.08
C ASP D 49 -14.59 7.60 59.54
N PHE D 50 -13.33 7.42 59.95
CA PHE D 50 -12.34 8.44 59.64
C PHE D 50 -10.99 7.82 59.28
N LEU D 51 -10.21 8.59 58.52
CA LEU D 51 -8.79 8.36 58.29
C LEU D 51 -8.01 9.61 58.69
N THR D 52 -6.78 9.44 59.13
CA THR D 52 -6.06 10.54 59.74
C THR D 52 -4.81 10.84 58.91
N LYS D 53 -4.66 12.09 58.45
CA LYS D 53 -3.44 12.50 57.76
C LYS D 53 -2.87 13.78 58.34
N GLU D 54 -1.57 13.74 58.64
CA GLU D 54 -0.79 14.94 58.94
C GLU D 54 -0.37 15.64 57.67
N VAL D 55 -0.79 16.91 57.58
CA VAL D 55 -0.57 17.74 56.41
C VAL D 55 -0.07 19.07 56.91
N MET D 56 0.86 19.69 56.20
CA MET D 56 1.30 21.03 56.57
C MET D 56 0.64 22.09 55.71
N VAL D 57 -0.02 23.02 56.37
CA VAL D 57 -0.76 24.10 55.74
C VAL D 57 -0.28 25.41 56.34
N ASP D 58 0.26 26.29 55.50
CA ASP D 58 0.61 27.66 55.87
C ASP D 58 1.42 27.68 57.16
N ASP D 59 2.37 26.75 57.24
CA ASP D 59 3.44 26.63 58.21
C ASP D 59 2.99 25.94 59.50
N ARG D 60 1.70 25.65 59.67
CA ARG D 60 1.23 24.85 60.79
C ARG D 60 1.05 23.40 60.33
N LEU D 61 1.46 22.47 61.19
CA LEU D 61 1.19 21.07 60.94
C LEU D 61 -0.13 20.67 61.59
N VAL D 62 -1.05 20.16 60.77
CA VAL D 62 -2.41 19.87 61.16
C VAL D 62 -2.59 18.35 61.11
N THR D 63 -2.98 17.76 62.25
CA THR D 63 -3.59 16.44 62.24
C THR D 63 -4.98 16.61 61.68
N MET D 64 -5.23 16.01 60.53
CA MET D 64 -6.47 16.21 59.81
C MET D 64 -7.23 14.90 59.83
N GLN D 65 -8.36 14.90 60.53
CA GLN D 65 -9.18 13.72 60.80
C GLN D 65 -10.32 13.80 59.80
N ILE D 66 -10.26 12.96 58.77
CA ILE D 66 -11.13 13.04 57.60
C ILE D 66 -12.25 12.03 57.79
N TRP D 67 -13.48 12.52 57.96
CA TRP D 67 -14.64 11.66 58.23
C TRP D 67 -15.42 11.41 56.95
N ASP D 68 -15.57 10.15 56.62
CA ASP D 68 -16.33 9.64 55.49
C ASP D 68 -17.69 9.20 56.00
N THR D 69 -18.75 9.67 55.35
CA THR D 69 -20.12 9.38 55.77
C THR D 69 -20.87 8.62 54.69
N ALA D 70 -21.95 7.96 55.12
CA ALA D 70 -22.77 7.15 54.23
C ALA D 70 -23.71 8.05 53.43
N GLY D 71 -23.49 8.12 52.12
CA GLY D 71 -24.45 8.77 51.24
C GLY D 71 -25.85 8.15 51.27
N LEU D 72 -25.93 6.82 51.44
CA LEU D 72 -27.24 6.16 51.53
C LEU D 72 -27.99 6.54 52.80
N GLU D 73 -27.29 6.62 53.92
CA GLU D 73 -27.87 7.26 55.10
C GLU D 73 -27.95 8.76 54.83
N ARG D 74 -28.43 9.48 55.82
CA ARG D 74 -29.00 10.79 55.55
C ARG D 74 -28.34 11.83 56.45
N PHE D 75 -27.11 11.55 56.88
CA PHE D 75 -26.40 12.33 57.89
C PHE D 75 -27.12 12.30 59.24
N GLN D 76 -27.80 11.19 59.55
CA GLN D 76 -28.98 11.31 60.39
C GLN D 76 -28.74 10.99 61.86
N SER D 77 -28.33 9.77 62.19
CA SER D 77 -28.27 9.38 63.60
C SER D 77 -26.83 9.21 64.08
N LEU D 78 -25.93 10.08 63.64
CA LEU D 78 -24.58 10.02 64.11
C LEU D 78 -24.49 10.76 65.46
N GLY D 79 -23.39 10.59 66.15
CA GLY D 79 -23.34 11.06 67.53
C GLY D 79 -23.27 12.57 67.70
N VAL D 80 -23.67 13.00 68.90
CA VAL D 80 -23.41 14.37 69.34
C VAL D 80 -21.92 14.68 69.23
N ALA D 81 -21.08 13.77 69.74
CA ALA D 81 -19.63 13.93 69.65
C ALA D 81 -19.14 14.06 68.20
N PHE D 82 -19.86 13.47 67.23
CA PHE D 82 -19.41 13.52 65.84
C PHE D 82 -19.76 14.85 65.15
N TYR D 83 -21.01 15.31 65.32
CA TYR D 83 -21.53 16.50 64.62
C TYR D 83 -20.78 17.77 65.02
N ARG D 84 -20.43 17.90 66.27
CA ARG D 84 -19.79 19.12 66.71
C ARG D 84 -18.33 18.98 67.05
N GLY D 85 -17.77 17.77 66.90
CA GLY D 85 -16.36 17.69 66.61
C GLY D 85 -16.02 18.31 65.27
N ALA D 86 -17.01 18.45 64.39
CA ALA D 86 -16.77 18.81 63.00
C ALA D 86 -16.34 20.26 62.88
N ASP D 87 -15.23 20.47 62.19
CA ASP D 87 -14.71 21.81 61.92
C ASP D 87 -14.98 22.29 60.50
N CYS D 88 -15.05 21.40 59.52
CA CYS D 88 -15.53 21.84 58.21
C CYS D 88 -16.16 20.70 57.42
N CYS D 89 -16.62 21.04 56.23
CA CYS D 89 -17.56 20.18 55.52
C CYS D 89 -17.28 20.25 54.03
N VAL D 90 -16.84 19.12 53.48
CA VAL D 90 -16.71 18.91 52.04
C VAL D 90 -18.03 18.39 51.50
N LEU D 91 -18.49 18.98 50.40
CA LEU D 91 -19.73 18.53 49.75
C LEU D 91 -19.33 18.05 48.37
N VAL D 92 -19.41 16.74 48.16
CA VAL D 92 -18.97 16.13 46.92
C VAL D 92 -20.20 15.80 46.08
N PHE D 93 -20.14 16.14 44.79
CA PHE D 93 -21.13 15.70 43.81
C PHE D 93 -20.40 15.16 42.59
N ASP D 94 -21.17 14.49 41.74
CA ASP D 94 -20.64 13.82 40.55
C ASP D 94 -20.96 14.69 39.33
N VAL D 95 -19.92 15.08 38.58
CA VAL D 95 -20.18 15.93 37.42
C VAL D 95 -20.96 15.19 36.32
N THR D 96 -20.95 13.85 36.33
CA THR D 96 -21.72 13.07 35.36
C THR D 96 -23.14 12.75 35.83
N ALA D 97 -23.55 13.23 37.00
CA ALA D 97 -24.87 12.91 37.55
C ALA D 97 -25.53 14.17 38.08
N PRO D 98 -26.43 14.79 37.31
CA PRO D 98 -26.95 16.12 37.70
C PRO D 98 -27.68 16.12 39.04
N ASN D 99 -28.30 15.02 39.43
CA ASN D 99 -29.03 15.05 40.69
C ASN D 99 -28.09 15.09 41.88
N THR D 100 -26.90 14.49 41.78
CA THR D 100 -25.95 14.66 42.86
C THR D 100 -25.66 16.15 43.11
N PHE D 101 -25.70 16.98 42.07
CA PHE D 101 -25.53 18.41 42.28
C PHE D 101 -26.79 19.04 42.85
N LYS D 102 -27.96 18.57 42.41
CA LYS D 102 -29.21 19.20 42.84
C LYS D 102 -29.43 19.05 44.35
N THR D 103 -29.06 17.90 44.91
CA THR D 103 -29.25 17.60 46.33
C THR D 103 -28.28 18.33 47.24
N LEU D 104 -27.28 19.04 46.71
CA LEU D 104 -26.32 19.72 47.56
C LEU D 104 -26.94 20.63 48.61
N ASP D 105 -28.08 21.27 48.34
CA ASP D 105 -28.51 22.12 49.43
C ASP D 105 -29.15 21.29 50.52
N SER D 106 -29.73 20.14 50.18
CA SER D 106 -30.20 19.20 51.19
C SER D 106 -29.07 18.76 52.11
N TRP D 107 -27.92 18.40 51.55
CA TRP D 107 -26.78 18.02 52.39
C TRP D 107 -26.27 19.18 53.23
N ARG D 108 -26.08 20.36 52.62
CA ARG D 108 -25.57 21.50 53.38
C ARG D 108 -26.54 21.90 54.49
N ASP D 109 -27.84 21.92 54.20
CA ASP D 109 -28.84 22.22 55.22
C ASP D 109 -28.80 21.16 56.33
N GLU D 110 -28.69 19.89 55.96
CA GLU D 110 -28.71 18.85 56.99
C GLU D 110 -27.50 18.96 57.89
N PHE D 111 -26.35 19.25 57.30
CA PHE D 111 -25.17 19.49 58.12
C PHE D 111 -25.42 20.64 59.07
N LEU D 112 -25.97 21.74 58.56
CA LEU D 112 -26.13 22.91 59.40
C LEU D 112 -27.10 22.67 60.54
N ILE D 113 -28.12 21.81 60.36
CA ILE D 113 -28.95 21.58 61.56
C ILE D 113 -28.20 20.67 62.52
N GLN D 114 -27.55 19.62 61.99
CA GLN D 114 -27.07 18.57 62.88
C GLN D 114 -25.85 19.04 63.66
N ALA D 115 -24.93 19.73 62.98
CA ALA D 115 -23.77 20.31 63.64
C ALA D 115 -24.10 21.64 64.28
N SER D 116 -25.14 22.32 63.81
CA SER D 116 -25.69 23.51 64.43
C SER D 116 -24.62 24.55 64.78
N PRO D 117 -23.82 24.98 63.80
CA PRO D 117 -22.72 25.90 64.12
C PRO D 117 -23.23 27.27 64.54
N ARG D 118 -22.36 27.97 65.29
CA ARG D 118 -22.69 29.30 65.79
C ARG D 118 -22.93 30.29 64.66
N ASP D 119 -21.94 30.42 63.77
CA ASP D 119 -22.03 31.34 62.65
C ASP D 119 -22.25 30.52 61.40
N PRO D 120 -23.50 30.14 61.10
CA PRO D 120 -23.73 29.09 60.10
C PRO D 120 -23.28 29.47 58.70
N GLU D 121 -23.63 30.66 58.22
CA GLU D 121 -23.30 31.07 56.86
C GLU D 121 -21.87 31.60 56.74
N ASN D 122 -21.05 31.23 57.72
CA ASN D 122 -19.63 31.47 57.78
C ASN D 122 -18.85 30.22 58.15
N PHE D 123 -19.53 29.09 58.27
CA PHE D 123 -18.89 27.82 58.54
C PHE D 123 -18.08 27.37 57.33
N PRO D 124 -16.91 26.74 57.56
CA PRO D 124 -16.06 26.30 56.44
C PRO D 124 -16.63 25.14 55.61
N PHE D 125 -17.10 25.46 54.41
CA PHE D 125 -17.56 24.51 53.41
C PHE D 125 -16.59 24.52 52.22
N VAL D 126 -16.46 23.37 51.55
CA VAL D 126 -15.86 23.35 50.22
C VAL D 126 -16.74 22.45 49.38
N VAL D 127 -16.79 22.70 48.08
CA VAL D 127 -17.54 21.85 47.16
C VAL D 127 -16.57 21.23 46.18
N LEU D 128 -16.73 19.92 45.96
CA LEU D 128 -15.92 19.17 45.03
C LEU D 128 -16.83 18.58 43.97
N GLY D 129 -16.49 18.83 42.71
CA GLY D 129 -17.09 18.15 41.57
C GLY D 129 -16.17 17.05 41.09
N ASN D 130 -16.50 15.83 41.46
CA ASN D 130 -15.66 14.66 41.21
C ASN D 130 -15.90 14.11 39.82
N LYS D 131 -15.00 13.20 39.42
CA LYS D 131 -15.14 12.42 38.18
C LYS D 131 -15.01 13.29 36.93
N ILE D 132 -14.07 14.24 36.97
CA ILE D 132 -13.77 15.01 35.76
C ILE D 132 -13.16 14.11 34.70
N ASP D 133 -12.41 13.07 35.12
CA ASP D 133 -11.74 12.19 34.18
C ASP D 133 -12.70 11.57 33.19
N LEU D 134 -13.91 11.27 33.61
CA LEU D 134 -14.95 10.88 32.66
C LEU D 134 -15.36 12.11 31.88
N GLU D 135 -15.27 12.05 30.56
CA GLU D 135 -15.86 13.12 29.77
C GLU D 135 -17.36 12.85 29.65
N ASN D 136 -18.05 13.63 28.82
CA ASN D 136 -19.51 13.74 28.84
C ASN D 136 -19.98 14.10 30.24
N ARG D 137 -19.48 15.26 30.68
CA ARG D 137 -19.94 15.93 31.89
C ARG D 137 -21.41 16.32 31.74
N GLN D 138 -22.02 16.68 32.87
CA GLN D 138 -23.44 17.00 32.91
C GLN D 138 -23.77 18.25 33.71
N VAL D 139 -22.81 18.86 34.40
CA VAL D 139 -23.05 20.06 35.19
C VAL D 139 -22.03 21.12 34.81
N ALA D 140 -22.51 22.30 34.43
CA ALA D 140 -21.61 23.36 33.99
C ALA D 140 -20.70 23.78 35.13
N THR D 141 -19.43 24.02 34.80
CA THR D 141 -18.48 24.48 35.80
C THR D 141 -18.93 25.78 36.44
N LYS D 142 -19.45 26.70 35.62
CA LYS D 142 -19.93 27.96 36.15
C LYS D 142 -21.29 27.82 36.82
N ARG D 143 -22.10 26.81 36.47
CA ARG D 143 -23.32 26.57 37.25
C ARG D 143 -22.97 26.23 38.71
N ALA D 144 -22.09 25.25 38.90
CA ALA D 144 -21.65 24.90 40.25
C ALA D 144 -20.99 26.09 40.92
N GLN D 145 -20.12 26.78 40.20
CA GLN D 145 -19.40 27.92 40.75
C GLN D 145 -20.36 29.05 41.17
N ALA D 146 -21.43 29.25 40.41
CA ALA D 146 -22.48 30.20 40.79
C ALA D 146 -23.17 29.76 42.07
N TRP D 147 -23.51 28.49 42.21
CA TRP D 147 -24.12 28.03 43.45
C TRP D 147 -23.20 28.27 44.65
N CYS D 148 -21.92 27.92 44.48
CA CYS D 148 -20.95 28.14 45.56
C CYS D 148 -20.85 29.61 45.93
N TYR D 149 -20.93 30.50 44.94
CA TYR D 149 -21.02 31.93 45.24
C TYR D 149 -22.31 32.26 45.99
N SER D 150 -23.43 31.66 45.57
CA SER D 150 -24.71 31.87 46.24
C SER D 150 -24.66 31.50 47.71
N LYS D 151 -23.70 30.67 48.12
CA LYS D 151 -23.65 30.26 49.53
C LYS D 151 -22.43 30.83 50.26
N ASN D 152 -22.19 32.14 50.10
CA ASN D 152 -21.12 32.86 50.80
C ASN D 152 -19.73 32.48 50.29
N ASN D 153 -19.61 32.31 48.98
CA ASN D 153 -18.33 32.03 48.32
C ASN D 153 -17.69 30.77 48.91
N ILE D 154 -18.44 29.69 48.82
CA ILE D 154 -17.87 28.38 49.14
C ILE D 154 -16.78 28.06 48.12
N PRO D 155 -15.54 27.75 48.52
CA PRO D 155 -14.52 27.36 47.54
C PRO D 155 -14.97 26.14 46.75
N TYR D 156 -14.63 26.13 45.47
CA TYR D 156 -15.06 25.09 44.54
C TYR D 156 -13.85 24.48 43.87
N PHE D 157 -13.84 23.15 43.77
CA PHE D 157 -12.77 22.45 43.10
C PHE D 157 -13.40 21.37 42.23
N GLU D 158 -12.71 21.02 41.14
CA GLU D 158 -13.10 19.92 40.26
C GLU D 158 -11.99 18.88 40.30
N THR D 159 -12.33 17.66 40.70
CA THR D 159 -11.33 16.66 41.06
C THR D 159 -11.61 15.35 40.33
N SER D 160 -10.62 14.46 40.39
CA SER D 160 -10.82 13.06 40.05
C SER D 160 -10.10 12.21 41.07
N ALA D 161 -10.84 11.32 41.75
CA ALA D 161 -10.22 10.41 42.70
C ALA D 161 -9.44 9.32 41.99
N LYS D 162 -9.99 8.80 40.90
CA LYS D 162 -9.32 7.73 40.14
C LYS D 162 -7.96 8.18 39.64
N GLU D 163 -7.87 9.43 39.16
CA GLU D 163 -6.63 9.97 38.62
C GLU D 163 -5.92 10.98 39.53
N ALA D 164 -6.55 11.38 40.64
CA ALA D 164 -5.89 12.20 41.67
C ALA D 164 -5.50 13.59 41.16
N ILE D 165 -6.31 14.18 40.28
CA ILE D 165 -6.08 15.58 39.91
C ILE D 165 -6.76 16.47 40.93
N ASN D 166 -6.01 17.42 41.48
CA ASN D 166 -6.60 18.57 42.18
C ASN D 166 -7.39 18.16 43.43
N VAL D 167 -7.28 16.91 43.85
CA VAL D 167 -7.74 16.53 45.18
C VAL D 167 -6.91 17.25 46.24
N GLU D 168 -5.61 17.34 46.01
CA GLU D 168 -4.73 17.81 47.06
C GLU D 168 -4.78 19.33 47.23
N GLN D 169 -4.97 20.10 46.15
CA GLN D 169 -5.15 21.54 46.33
C GLN D 169 -6.41 21.84 47.12
N ALA D 170 -7.49 21.07 46.88
CA ALA D 170 -8.71 21.23 47.66
C ALA D 170 -8.48 20.89 49.13
N PHE D 171 -7.70 19.83 49.38
CA PHE D 171 -7.43 19.42 50.75
C PHE D 171 -6.42 20.33 51.45
N GLN D 172 -5.65 21.13 50.71
CA GLN D 172 -4.94 22.25 51.34
C GLN D 172 -5.89 23.40 51.64
N THR D 173 -6.76 23.76 50.69
CA THR D 173 -7.61 24.94 50.87
C THR D 173 -8.63 24.77 52.00
N ILE D 174 -9.15 23.55 52.22
CA ILE D 174 -10.03 23.35 53.38
C ILE D 174 -9.28 23.58 54.68
N ALA D 175 -8.07 23.01 54.79
CA ALA D 175 -7.30 23.22 56.01
C ALA D 175 -6.96 24.69 56.17
N ARG D 176 -6.64 25.38 55.07
CA ARG D 176 -6.35 26.81 55.11
C ARG D 176 -7.57 27.61 55.56
N ASN D 177 -8.75 27.24 55.08
CA ASN D 177 -9.96 27.99 55.40
C ASN D 177 -10.41 27.74 56.82
N ALA D 178 -10.33 26.49 57.27
CA ALA D 178 -10.80 26.16 58.61
C ALA D 178 -9.89 26.73 59.68
N LEU D 179 -8.59 26.87 59.38
CA LEU D 179 -7.60 27.34 60.34
C LEU D 179 -7.67 28.84 60.62
N LYS D 180 -8.71 29.54 60.17
CA LYS D 180 -8.87 30.98 60.49
C LYS D 180 -9.50 31.16 61.87
MG MG E . -21.53 18.74 13.95
PG GTP F . -20.91 16.32 16.18
O1G GTP F . -22.01 16.88 15.30
O2G GTP F . -19.70 15.90 15.39
O3G GTP F . -21.53 15.11 16.86
O3B GTP F . -20.48 17.43 17.31
PB GTP F . -20.24 19.03 17.03
O1B GTP F . -21.15 19.57 15.94
O2B GTP F . -18.79 19.27 16.70
O3A GTP F . -20.54 19.74 18.45
PA GTP F . -21.68 20.86 18.66
O1A GTP F . -21.35 22.15 17.96
O2A GTP F . -23.02 20.25 18.25
O5' GTP F . -21.61 21.21 20.23
C5' GTP F . -21.20 20.33 21.25
C4' GTP F . -21.67 20.93 22.56
O4' GTP F . -20.71 21.85 23.01
C3' GTP F . -22.96 21.71 22.33
O3' GTP F . -23.88 21.33 23.32
C2' GTP F . -22.57 23.16 22.53
O2' GTP F . -23.56 23.85 23.24
C1' GTP F . -21.29 23.10 23.31
N9 GTP F . -20.36 24.12 22.84
C8 GTP F . -19.95 24.31 21.54
N7 GTP F . -19.09 25.36 21.51
C5 GTP F . -18.95 25.84 22.76
C6 GTP F . -18.21 26.90 23.27
O6 GTP F . -17.51 27.58 22.53
N1 GTP F . -18.27 27.15 24.62
C2 GTP F . -19.06 26.38 25.43
N2 GTP F . -19.11 26.63 26.73
N3 GTP F . -19.80 25.34 24.93
C4 GTP F . -19.74 25.08 23.60
MG MG G . -18.25 5.70 50.55
PG GTP H . -21.26 5.96 49.30
O1G GTP H . -20.17 5.31 50.10
O2G GTP H . -21.88 7.15 49.99
O3G GTP H . -22.38 4.96 49.13
O3B GTP H . -20.69 6.51 47.89
PB GTP H . -19.27 7.26 47.71
O1B GTP H . -18.30 6.95 48.82
O2B GTP H . -19.54 8.75 47.66
O3A GTP H . -18.65 6.76 46.30
PA GTP H . -17.31 5.84 46.20
O1A GTP H . -16.11 6.65 46.61
O2A GTP H . -17.48 4.59 47.04
O5' GTP H . -17.19 5.42 44.67
C5' GTP H . -18.28 5.41 43.76
C4' GTP H . -17.87 4.61 42.53
O4' GTP H . -17.36 5.51 41.56
C3' GTP H . -16.73 3.66 42.89
O3' GTP H . -16.95 2.41 42.27
C2' GTP H . -15.47 4.33 42.36
O2' GTP H . -14.52 3.39 41.91
C1' GTP H . -15.99 5.25 41.27
N9 GTP H . -15.29 6.55 41.32
C8 GTP H . -15.10 7.33 42.42
N7 GTP H . -14.42 8.45 42.06
C5 GTP H . -14.17 8.39 40.74
C6 GTP H . -13.51 9.26 39.87
O6 GTP H . -13.03 10.31 40.29
N1 GTP H . -13.41 8.93 38.53
C2 GTP H . -13.96 7.74 38.07
N2 GTP H . -13.85 7.42 36.77
N3 GTP H . -14.61 6.88 38.94
C4 GTP H . -14.70 7.20 40.25
#